data_2MN5
#
_entry.id   2MN5
#
_entity_poly.entity_id   1
_entity_poly.type   'polypeptide(L)'
_entity_poly.pdbx_seq_one_letter_code
;(PCA)NCPTRRGLCVTSGLTACRNHCRSCHRGDVGCVRCSNAQCTGFLGTTCTCINPCPRC
;
_entity_poly.pdbx_strand_id   A
#
# COMPACT_ATOMS: atom_id res chain seq x y z
N ASN A 2 -7.98 12.51 -0.89
CA ASN A 2 -7.32 12.37 0.40
C ASN A 2 -6.85 10.93 0.62
N CYS A 3 -7.21 10.03 -0.29
CA CYS A 3 -6.85 8.62 -0.23
C CYS A 3 -6.72 8.05 -1.65
N PRO A 4 -5.63 8.40 -2.35
CA PRO A 4 -5.37 8.02 -3.73
C PRO A 4 -4.96 6.56 -3.85
N THR A 5 -4.78 6.09 -5.10
CA THR A 5 -4.35 4.73 -5.39
C THR A 5 -2.88 4.72 -5.82
N ARG A 6 -2.04 3.93 -5.16
CA ARG A 6 -0.64 3.79 -5.54
C ARG A 6 -0.19 2.35 -5.32
N ARG A 7 0.49 1.76 -6.32
CA ARG A 7 0.95 0.37 -6.25
C ARG A 7 2.38 0.22 -6.79
N GLY A 8 2.92 1.27 -7.43
CA GLY A 8 4.25 1.24 -8.03
C GLY A 8 5.34 1.67 -7.04
N LEU A 9 5.02 1.73 -5.75
CA LEU A 9 5.93 2.23 -4.73
C LEU A 9 7.15 1.34 -4.55
N CYS A 10 7.10 0.09 -5.02
CA CYS A 10 8.22 -0.83 -4.90
C CYS A 10 9.11 -0.81 -6.15
N VAL A 11 8.81 0.05 -7.13
CA VAL A 11 9.57 0.11 -8.37
C VAL A 11 10.79 1.03 -8.24
N THR A 12 10.71 2.06 -7.39
CA THR A 12 11.81 2.99 -7.21
C THR A 12 11.79 3.70 -5.86
N SER A 13 10.61 3.85 -5.25
CA SER A 13 10.47 4.52 -3.97
C SER A 13 10.85 3.61 -2.81
N GLY A 14 10.84 2.30 -3.06
CA GLY A 14 11.29 1.28 -2.11
C GLY A 14 10.19 0.85 -1.15
N LEU A 15 10.49 -0.18 -0.35
CA LEU A 15 9.53 -0.76 0.57
C LEU A 15 9.10 0.26 1.62
N THR A 16 9.97 1.22 1.95
CA THR A 16 9.66 2.24 2.94
C THR A 16 8.48 3.09 2.48
N ALA A 17 8.35 3.33 1.17
CA ALA A 17 7.25 4.12 0.64
C ALA A 17 5.98 3.27 0.58
N CYS A 18 6.13 1.97 0.34
CA CYS A 18 5.00 1.05 0.31
C CYS A 18 4.45 0.86 1.72
N ARG A 19 5.31 0.96 2.73
CA ARG A 19 4.92 0.79 4.12
C ARG A 19 4.26 2.06 4.66
N ASN A 20 4.68 3.22 4.14
CA ASN A 20 4.08 4.49 4.54
C ASN A 20 2.73 4.70 3.87
N HIS A 21 2.53 4.17 2.66
CA HIS A 21 1.28 4.31 1.95
C HIS A 21 0.23 3.37 2.52
N CYS A 22 0.64 2.19 2.97
CA CYS A 22 -0.28 1.24 3.58
C CYS A 22 -0.68 1.66 4.98
N ARG A 23 0.14 2.47 5.66
CA ARG A 23 -0.19 2.98 6.99
C ARG A 23 -0.96 4.29 6.91
N SER A 24 -1.06 4.87 5.70
CA SER A 24 -1.84 6.07 5.46
C SER A 24 -3.14 5.69 4.78
N CYS A 25 -4.11 6.61 4.74
CA CYS A 25 -5.39 6.34 4.08
C CYS A 25 -5.19 6.28 2.57
N HIS A 26 -5.61 5.18 1.95
CA HIS A 26 -5.46 4.98 0.51
C HIS A 26 -6.68 4.26 -0.05
N ARG A 27 -6.79 4.20 -1.38
CA ARG A 27 -7.93 3.58 -2.04
C ARG A 27 -7.86 2.06 -1.92
N GLY A 28 -8.94 1.45 -1.42
CA GLY A 28 -9.07 0.01 -1.30
C GLY A 28 -9.80 -0.56 -2.52
N ASP A 29 -10.36 -1.77 -2.37
CA ASP A 29 -11.04 -2.44 -3.47
C ASP A 29 -12.49 -1.98 -3.63
N VAL A 30 -13.08 -1.40 -2.56
CA VAL A 30 -14.45 -0.92 -2.59
C VAL A 30 -14.60 0.45 -1.91
N GLY A 31 -13.55 0.90 -1.23
CA GLY A 31 -13.53 2.19 -0.55
C GLY A 31 -12.17 2.42 0.08
N CYS A 32 -11.92 3.62 0.61
CA CYS A 32 -10.62 3.92 1.19
C CYS A 32 -10.44 3.23 2.54
N VAL A 33 -9.21 2.77 2.79
CA VAL A 33 -8.84 2.05 4.00
C VAL A 33 -7.38 2.34 4.35
N ARG A 34 -6.97 1.95 5.57
CA ARG A 34 -5.58 2.02 6.00
C ARG A 34 -5.25 0.71 6.73
N CYS A 35 -3.99 0.28 6.66
CA CYS A 35 -3.59 -1.04 7.14
C CYS A 35 -2.48 -0.94 8.19
N SER A 36 -1.93 -2.10 8.59
CA SER A 36 -0.96 -2.17 9.67
C SER A 36 0.48 -2.25 9.17
N ASN A 37 0.72 -2.95 8.05
CA ASN A 37 2.07 -3.14 7.52
C ASN A 37 1.99 -3.33 6.01
N ALA A 38 3.13 -3.62 5.36
CA ALA A 38 3.19 -3.79 3.91
C ALA A 38 4.37 -4.66 3.49
N GLN A 39 4.35 -5.08 2.22
CA GLN A 39 5.45 -5.81 1.61
C GLN A 39 5.41 -5.58 0.10
N CYS A 40 6.50 -5.88 -0.60
CA CYS A 40 6.56 -5.77 -2.05
C CYS A 40 6.25 -7.13 -2.68
N THR A 41 5.55 -7.12 -3.80
CA THR A 41 5.11 -8.32 -4.50
C THR A 41 5.35 -8.21 -6.00
N GLY A 42 4.96 -9.25 -6.74
CA GLY A 42 5.12 -9.30 -8.19
C GLY A 42 6.29 -10.20 -8.59
N PHE A 43 6.45 -10.42 -9.89
CA PHE A 43 7.48 -11.29 -10.43
C PHE A 43 8.87 -10.67 -10.27
N LEU A 44 8.94 -9.35 -10.08
CA LEU A 44 10.20 -8.63 -9.94
C LEU A 44 10.16 -7.66 -8.76
N GLY A 45 9.16 -7.80 -7.88
CA GLY A 45 9.02 -6.92 -6.73
C GLY A 45 8.52 -5.53 -7.13
N THR A 46 8.00 -5.39 -8.36
CA THR A 46 7.57 -4.11 -8.91
C THR A 46 6.16 -3.71 -8.47
N THR A 47 5.60 -4.38 -7.45
CA THR A 47 4.27 -4.06 -6.95
C THR A 47 4.30 -3.92 -5.43
N CYS A 48 3.41 -3.09 -4.90
CA CYS A 48 3.24 -2.87 -3.47
C CYS A 48 1.96 -3.55 -2.99
N THR A 49 1.97 -4.11 -1.77
CA THR A 49 0.81 -4.75 -1.18
C THR A 49 0.79 -4.49 0.33
N CYS A 50 -0.41 -4.35 0.90
CA CYS A 50 -0.58 -4.05 2.31
C CYS A 50 -0.91 -5.32 3.13
N ILE A 51 -0.76 -5.22 4.45
CA ILE A 51 -0.98 -6.34 5.36
C ILE A 51 -2.15 -6.03 6.30
N ASN A 52 -3.04 -7.00 6.48
CA ASN A 52 -4.23 -6.84 7.31
C ASN A 52 -3.84 -6.76 8.80
N PRO A 53 -4.71 -6.21 9.66
CA PRO A 53 -6.01 -5.63 9.35
C PRO A 53 -5.91 -4.37 8.48
N CYS A 54 -7.04 -3.99 7.87
CA CYS A 54 -7.14 -2.81 7.02
C CYS A 54 -8.49 -2.11 7.26
N PRO A 55 -8.68 -1.49 8.43
CA PRO A 55 -9.90 -0.76 8.79
C PRO A 55 -10.11 0.47 7.90
N ARG A 56 -11.30 1.06 8.00
CA ARG A 56 -11.67 2.23 7.22
C ARG A 56 -10.89 3.47 7.66
N CYS A 57 -10.90 4.50 6.82
CA CYS A 57 -10.23 5.77 7.09
C CYS A 57 -10.90 6.92 6.33
N ASN A 2 -9.68 11.82 1.23
CA ASN A 2 -8.75 11.46 2.31
C ASN A 2 -8.00 10.18 1.98
N CYS A 3 -8.08 9.72 0.74
CA CYS A 3 -7.48 8.47 0.30
C CYS A 3 -7.07 8.54 -1.17
N PRO A 4 -5.85 9.03 -1.44
CA PRO A 4 -5.26 9.06 -2.77
C PRO A 4 -4.84 7.64 -3.19
N THR A 5 -4.32 7.51 -4.42
CA THR A 5 -3.90 6.22 -4.95
C THR A 5 -2.46 6.30 -5.43
N ARG A 6 -1.62 5.36 -4.99
CA ARG A 6 -0.24 5.24 -5.42
C ARG A 6 0.11 3.76 -5.57
N ARG A 7 0.77 3.40 -6.66
CA ARG A 7 1.17 2.03 -6.96
C ARG A 7 2.58 2.02 -7.53
N GLY A 8 3.22 0.84 -7.55
CA GLY A 8 4.58 0.70 -8.04
C GLY A 8 5.61 1.33 -7.10
N LEU A 9 5.21 1.61 -5.86
CA LEU A 9 6.08 2.25 -4.88
C LEU A 9 7.34 1.44 -4.62
N CYS A 10 7.30 0.12 -4.85
CA CYS A 10 8.43 -0.76 -4.65
C CYS A 10 9.47 -0.63 -5.77
N VAL A 11 9.24 0.27 -6.73
CA VAL A 11 10.14 0.49 -7.85
C VAL A 11 10.58 1.95 -7.94
N THR A 12 9.76 2.87 -7.41
CA THR A 12 10.05 4.30 -7.50
C THR A 12 10.68 4.84 -6.21
N SER A 13 10.52 4.13 -5.08
CA SER A 13 11.06 4.57 -3.80
C SER A 13 11.48 3.39 -2.92
N GLY A 14 10.93 2.20 -3.15
CA GLY A 14 11.25 1.01 -2.39
C GLY A 14 10.16 0.67 -1.38
N LEU A 15 10.37 -0.39 -0.60
CA LEU A 15 9.42 -0.87 0.39
C LEU A 15 9.08 0.20 1.42
N THR A 16 9.99 1.12 1.69
CA THR A 16 9.78 2.17 2.69
C THR A 16 8.59 3.04 2.29
N ALA A 17 8.39 3.28 0.98
CA ALA A 17 7.29 4.10 0.52
C ALA A 17 6.00 3.27 0.45
N CYS A 18 6.12 1.98 0.14
CA CYS A 18 4.98 1.08 0.10
C CYS A 18 4.42 0.91 1.51
N ARG A 19 5.28 0.97 2.52
CA ARG A 19 4.85 0.84 3.91
C ARG A 19 4.26 2.14 4.42
N ASN A 20 4.82 3.28 3.99
CA ASN A 20 4.31 4.58 4.38
C ASN A 20 2.95 4.85 3.71
N HIS A 21 2.67 4.18 2.59
CA HIS A 21 1.38 4.32 1.93
C HIS A 21 0.33 3.43 2.59
N CYS A 22 0.72 2.25 3.05
CA CYS A 22 -0.17 1.34 3.77
C CYS A 22 -0.42 1.82 5.21
N ARG A 23 0.51 2.58 5.78
CA ARG A 23 0.38 3.15 7.13
C ARG A 23 -0.43 4.45 7.11
N SER A 24 -0.98 4.79 5.95
CA SER A 24 -1.84 5.95 5.79
C SER A 24 -3.07 5.53 4.99
N CYS A 25 -4.09 6.41 4.92
CA CYS A 25 -5.32 6.07 4.22
C CYS A 25 -5.10 6.13 2.72
N HIS A 26 -5.53 5.07 2.01
CA HIS A 26 -5.34 4.96 0.57
C HIS A 26 -6.53 4.28 -0.07
N ARG A 27 -6.56 4.28 -1.41
CA ARG A 27 -7.67 3.70 -2.15
C ARG A 27 -7.56 2.18 -2.21
N GLY A 28 -8.68 1.49 -2.03
CA GLY A 28 -8.76 0.03 -2.10
C GLY A 28 -9.61 -0.41 -3.28
N ASP A 29 -9.91 -1.71 -3.35
CA ASP A 29 -10.69 -2.29 -4.45
C ASP A 29 -12.19 -2.25 -4.18
N VAL A 30 -12.59 -1.94 -2.95
CA VAL A 30 -14.00 -1.88 -2.57
C VAL A 30 -14.33 -0.57 -1.85
N GLY A 31 -13.30 0.15 -1.38
CA GLY A 31 -13.46 1.40 -0.66
C GLY A 31 -12.11 1.86 -0.12
N CYS A 32 -12.08 2.99 0.59
CA CYS A 32 -10.85 3.50 1.15
C CYS A 32 -10.53 2.81 2.48
N VAL A 33 -9.24 2.51 2.68
CA VAL A 33 -8.78 1.76 3.84
C VAL A 33 -7.41 2.25 4.31
N ARG A 34 -7.02 1.80 5.51
CA ARG A 34 -5.73 2.04 6.11
C ARG A 34 -5.28 0.74 6.78
N CYS A 35 -4.00 0.41 6.75
CA CYS A 35 -3.54 -0.90 7.18
C CYS A 35 -2.41 -0.80 8.22
N SER A 36 -1.86 -1.96 8.61
CA SER A 36 -0.89 -2.05 9.69
C SER A 36 0.55 -2.15 9.21
N ASN A 37 0.79 -2.82 8.08
CA ASN A 37 2.13 -3.04 7.54
C ASN A 37 2.04 -3.25 6.03
N ALA A 38 3.17 -3.56 5.37
CA ALA A 38 3.20 -3.74 3.93
C ALA A 38 4.35 -4.66 3.49
N GLN A 39 4.29 -5.08 2.23
CA GLN A 39 5.36 -5.84 1.58
C GLN A 39 5.28 -5.62 0.08
N CYS A 40 6.35 -5.99 -0.64
CA CYS A 40 6.39 -5.91 -2.09
C CYS A 40 6.00 -7.26 -2.68
N THR A 41 5.27 -7.24 -3.80
CA THR A 41 4.75 -8.44 -4.44
C THR A 41 4.96 -8.40 -5.95
N GLY A 42 4.53 -9.46 -6.64
CA GLY A 42 4.66 -9.57 -8.08
C GLY A 42 6.09 -9.95 -8.47
N PHE A 43 6.34 -10.09 -9.77
CA PHE A 43 7.67 -10.45 -10.26
C PHE A 43 8.66 -9.34 -9.92
N LEU A 44 9.85 -9.73 -9.46
CA LEU A 44 10.89 -8.81 -9.01
C LEU A 44 10.39 -7.79 -7.96
N GLY A 45 9.24 -8.05 -7.34
CA GLY A 45 8.72 -7.17 -6.29
C GLY A 45 8.25 -5.82 -6.83
N THR A 46 7.86 -5.74 -8.11
CA THR A 46 7.50 -4.48 -8.74
C THR A 46 6.12 -3.96 -8.32
N THR A 47 5.43 -4.65 -7.40
CA THR A 47 4.11 -4.25 -6.95
C THR A 47 4.11 -4.03 -5.43
N CYS A 48 3.18 -3.22 -4.93
CA CYS A 48 3.04 -2.92 -3.51
C CYS A 48 1.74 -3.52 -2.98
N THR A 49 1.80 -4.09 -1.77
CA THR A 49 0.64 -4.70 -1.12
C THR A 49 0.68 -4.42 0.38
N CYS A 50 -0.50 -4.26 0.99
CA CYS A 50 -0.62 -3.97 2.41
C CYS A 50 -0.93 -5.24 3.22
N ILE A 51 -0.75 -5.16 4.54
CA ILE A 51 -0.96 -6.29 5.45
C ILE A 51 -2.15 -6.02 6.35
N ASN A 52 -2.90 -7.07 6.69
CA ASN A 52 -4.08 -6.97 7.53
C ASN A 52 -3.71 -6.63 8.97
N PRO A 53 -4.62 -6.04 9.76
CA PRO A 53 -5.94 -5.60 9.34
C PRO A 53 -5.87 -4.35 8.47
N CYS A 54 -6.96 -4.07 7.75
CA CYS A 54 -7.07 -2.90 6.88
C CYS A 54 -8.46 -2.27 7.04
N PRO A 55 -8.76 -1.67 8.20
CA PRO A 55 -10.03 -1.01 8.47
C PRO A 55 -10.26 0.20 7.56
N ARG A 56 -11.49 0.71 7.55
CA ARG A 56 -11.89 1.83 6.70
C ARG A 56 -11.30 3.15 7.19
N CYS A 57 -11.33 4.16 6.32
CA CYS A 57 -10.88 5.51 6.62
C CYS A 57 -11.65 6.51 5.80
N ASN A 2 -9.43 12.10 1.48
CA ASN A 2 -8.35 11.82 2.41
C ASN A 2 -7.59 10.55 2.02
N CYS A 3 -7.76 10.10 0.77
CA CYS A 3 -7.16 8.85 0.32
C CYS A 3 -6.80 8.95 -1.18
N PRO A 4 -5.55 9.32 -1.47
CA PRO A 4 -5.01 9.34 -2.82
C PRO A 4 -4.72 7.91 -3.28
N THR A 5 -4.38 7.76 -4.56
CA THR A 5 -4.08 6.44 -5.14
C THR A 5 -2.65 6.43 -5.65
N ARG A 6 -1.83 5.52 -5.12
CA ARG A 6 -0.44 5.35 -5.53
C ARG A 6 -0.14 3.86 -5.68
N ARG A 7 0.57 3.48 -6.74
CA ARG A 7 0.93 2.09 -7.04
C ARG A 7 2.36 2.05 -7.58
N GLY A 8 2.99 0.87 -7.55
CA GLY A 8 4.35 0.70 -8.05
C GLY A 8 5.38 1.32 -7.11
N LEU A 9 4.99 1.58 -5.85
CA LEU A 9 5.85 2.22 -4.88
C LEU A 9 7.13 1.42 -4.63
N CYS A 10 7.09 0.10 -4.88
CA CYS A 10 8.25 -0.78 -4.69
C CYS A 10 9.27 -0.63 -5.81
N VAL A 11 9.04 0.30 -6.76
CA VAL A 11 9.96 0.53 -7.87
C VAL A 11 10.32 2.01 -7.99
N THR A 12 9.46 2.91 -7.50
CA THR A 12 9.70 4.34 -7.62
C THR A 12 10.36 4.91 -6.37
N SER A 13 10.24 4.22 -5.22
CA SER A 13 10.81 4.67 -3.97
C SER A 13 11.29 3.52 -3.09
N GLY A 14 10.76 2.31 -3.30
CA GLY A 14 11.15 1.12 -2.56
C GLY A 14 10.11 0.75 -1.50
N LEU A 15 10.39 -0.29 -0.72
CA LEU A 15 9.46 -0.83 0.27
C LEU A 15 9.08 0.23 1.30
N THR A 16 9.97 1.19 1.58
CA THR A 16 9.71 2.22 2.57
C THR A 16 8.50 3.07 2.19
N ALA A 17 8.28 3.31 0.90
CA ALA A 17 7.14 4.11 0.46
C ALA A 17 5.87 3.27 0.42
N CYS A 18 6.02 1.97 0.13
CA CYS A 18 4.89 1.05 0.14
C CYS A 18 4.39 0.86 1.57
N ARG A 19 5.30 0.95 2.55
CA ARG A 19 4.97 0.80 3.96
C ARG A 19 4.38 2.08 4.54
N ASN A 20 4.78 3.24 4.01
CA ASN A 20 4.24 4.51 4.44
C ASN A 20 2.87 4.78 3.80
N HIS A 21 2.59 4.14 2.66
CA HIS A 21 1.31 4.31 1.99
C HIS A 21 0.25 3.39 2.59
N CYS A 22 0.66 2.18 3.01
CA CYS A 22 -0.26 1.24 3.65
C CYS A 22 -0.58 1.66 5.08
N ARG A 23 0.31 2.41 5.73
CA ARG A 23 0.09 2.90 7.09
C ARG A 23 -0.65 4.23 7.09
N SER A 24 -1.13 4.66 5.93
CA SER A 24 -1.91 5.88 5.77
C SER A 24 -3.19 5.54 5.01
N CYS A 25 -4.18 6.44 5.04
CA CYS A 25 -5.42 6.20 4.33
C CYS A 25 -5.17 6.26 2.83
N HIS A 26 -5.57 5.22 2.09
CA HIS A 26 -5.35 5.13 0.66
C HIS A 26 -6.53 4.47 -0.03
N ARG A 27 -6.57 4.54 -1.36
CA ARG A 27 -7.65 3.96 -2.15
C ARG A 27 -7.48 2.45 -2.29
N GLY A 28 -8.58 1.72 -2.07
CA GLY A 28 -8.63 0.27 -2.22
C GLY A 28 -9.39 -0.12 -3.50
N ASP A 29 -9.81 -1.39 -3.57
CA ASP A 29 -10.51 -1.90 -4.74
C ASP A 29 -12.02 -1.67 -4.68
N VAL A 30 -12.53 -1.27 -3.51
CA VAL A 30 -13.96 -1.02 -3.34
C VAL A 30 -14.23 0.23 -2.47
N GLY A 31 -13.19 0.76 -1.82
CA GLY A 31 -13.31 1.93 -0.96
C GLY A 31 -11.95 2.27 -0.35
N CYS A 32 -11.88 3.35 0.43
CA CYS A 32 -10.63 3.75 1.04
C CYS A 32 -10.42 3.05 2.38
N VAL A 33 -9.17 2.64 2.63
CA VAL A 33 -8.79 1.89 3.82
C VAL A 33 -7.38 2.24 4.25
N ARG A 34 -7.03 1.84 5.47
CA ARG A 34 -5.68 1.98 6.03
C ARG A 34 -5.30 0.66 6.69
N CYS A 35 -4.01 0.31 6.69
CA CYS A 35 -3.56 -0.99 7.17
C CYS A 35 -2.46 -0.85 8.22
N SER A 36 -1.89 -1.99 8.64
CA SER A 36 -0.91 -2.03 9.72
C SER A 36 0.52 -2.13 9.22
N ASN A 37 0.75 -2.81 8.09
CA ASN A 37 2.09 -2.99 7.55
C ASN A 37 2.01 -3.24 6.04
N ALA A 38 3.15 -3.53 5.39
CA ALA A 38 3.19 -3.74 3.95
C ALA A 38 4.35 -4.63 3.53
N GLN A 39 4.32 -5.08 2.29
CA GLN A 39 5.41 -5.82 1.66
C GLN A 39 5.34 -5.63 0.14
N CYS A 40 6.42 -5.98 -0.56
CA CYS A 40 6.45 -5.93 -2.01
C CYS A 40 6.13 -7.31 -2.58
N THR A 41 5.39 -7.33 -3.69
CA THR A 41 4.91 -8.56 -4.31
C THR A 41 5.06 -8.50 -5.82
N GLY A 42 4.61 -9.55 -6.52
CA GLY A 42 4.68 -9.64 -7.97
C GLY A 42 6.09 -9.98 -8.46
N PHE A 43 6.28 -9.99 -9.77
CA PHE A 43 7.56 -10.30 -10.37
C PHE A 43 8.59 -9.25 -9.96
N LEU A 44 9.78 -9.69 -9.55
CA LEU A 44 10.86 -8.84 -9.08
C LEU A 44 10.42 -7.86 -7.98
N GLY A 45 9.29 -8.13 -7.31
CA GLY A 45 8.80 -7.27 -6.25
C GLY A 45 8.29 -5.93 -6.75
N THR A 46 7.93 -5.84 -8.04
CA THR A 46 7.54 -4.58 -8.68
C THR A 46 6.14 -4.11 -8.29
N THR A 47 5.49 -4.76 -7.33
CA THR A 47 4.15 -4.38 -6.88
C THR A 47 4.13 -4.16 -5.36
N CYS A 48 3.21 -3.32 -4.89
CA CYS A 48 3.05 -3.02 -3.48
C CYS A 48 1.77 -3.66 -2.94
N THR A 49 1.84 -4.22 -1.72
CA THR A 49 0.69 -4.84 -1.07
C THR A 49 0.71 -4.53 0.42
N CYS A 50 -0.49 -4.40 1.02
CA CYS A 50 -0.63 -4.09 2.43
C CYS A 50 -0.93 -5.33 3.26
N ILE A 51 -0.72 -5.24 4.57
CA ILE A 51 -0.91 -6.34 5.50
C ILE A 51 -2.11 -6.07 6.40
N ASN A 52 -2.89 -7.11 6.71
CA ASN A 52 -4.08 -7.00 7.53
C ASN A 52 -3.70 -6.70 8.99
N PRO A 53 -4.62 -6.08 9.76
CA PRO A 53 -5.94 -5.65 9.34
C PRO A 53 -5.87 -4.40 8.45
N CYS A 54 -6.97 -4.10 7.76
CA CYS A 54 -7.08 -2.95 6.88
C CYS A 54 -8.45 -2.29 7.04
N PRO A 55 -8.73 -1.68 8.19
CA PRO A 55 -9.99 -1.00 8.46
C PRO A 55 -10.19 0.21 7.56
N ARG A 56 -11.43 0.70 7.49
CA ARG A 56 -11.80 1.83 6.63
C ARG A 56 -11.31 3.15 7.23
N CYS A 57 -11.22 4.18 6.38
CA CYS A 57 -10.76 5.50 6.76
C CYS A 57 -11.37 6.57 5.85
N ASN A 2 -8.16 12.25 0.54
CA ASN A 2 -7.35 11.80 1.67
C ASN A 2 -6.92 10.33 1.48
N CYS A 3 -7.19 9.77 0.30
CA CYS A 3 -6.86 8.40 -0.03
C CYS A 3 -6.60 8.25 -1.53
N PRO A 4 -5.37 8.54 -1.98
CA PRO A 4 -4.95 8.37 -3.36
C PRO A 4 -4.70 6.89 -3.67
N THR A 5 -4.34 6.59 -4.92
CA THR A 5 -4.06 5.24 -5.37
C THR A 5 -2.64 5.15 -5.93
N ARG A 6 -1.86 4.18 -5.45
CA ARG A 6 -0.49 3.94 -5.91
C ARG A 6 -0.22 2.44 -5.93
N ARG A 7 0.56 1.95 -6.89
CA ARG A 7 0.85 0.53 -7.03
C ARG A 7 2.34 0.26 -7.25
N GLY A 8 3.08 1.25 -7.77
CA GLY A 8 4.47 1.10 -8.15
C GLY A 8 5.46 1.60 -7.09
N LEU A 9 5.01 1.78 -5.85
CA LEU A 9 5.83 2.34 -4.78
C LEU A 9 7.10 1.53 -4.54
N CYS A 10 7.09 0.24 -4.86
CA CYS A 10 8.25 -0.61 -4.65
C CYS A 10 9.30 -0.43 -5.77
N VAL A 11 9.06 0.50 -6.69
CA VAL A 11 9.98 0.80 -7.78
C VAL A 11 10.33 2.28 -7.83
N THR A 12 9.46 3.15 -7.30
CA THR A 12 9.69 4.59 -7.30
C THR A 12 10.45 5.04 -6.06
N SER A 13 10.51 4.19 -5.03
CA SER A 13 11.24 4.49 -3.81
C SER A 13 11.67 3.22 -3.08
N GLY A 14 10.81 2.19 -3.13
CA GLY A 14 11.09 0.91 -2.50
C GLY A 14 10.03 0.59 -1.44
N LEU A 15 10.33 -0.40 -0.59
CA LEU A 15 9.39 -0.86 0.43
C LEU A 15 9.04 0.26 1.42
N THR A 16 9.94 1.24 1.60
CA THR A 16 9.70 2.31 2.57
C THR A 16 8.49 3.14 2.16
N ALA A 17 8.31 3.42 0.87
CA ALA A 17 7.15 4.20 0.43
C ALA A 17 5.90 3.33 0.39
N CYS A 18 6.06 2.02 0.17
CA CYS A 18 4.94 1.10 0.17
C CYS A 18 4.42 0.93 1.60
N ARG A 19 5.30 1.00 2.60
CA ARG A 19 4.93 0.87 3.99
C ARG A 19 4.31 2.15 4.51
N ASN A 20 4.76 3.30 4.00
CA ASN A 20 4.20 4.59 4.39
C ASN A 20 2.85 4.83 3.71
N HIS A 21 2.57 4.12 2.62
CA HIS A 21 1.29 4.23 1.92
C HIS A 21 0.25 3.30 2.53
N CYS A 22 0.70 2.16 3.07
CA CYS A 22 -0.19 1.21 3.71
C CYS A 22 -0.54 1.62 5.13
N ARG A 23 0.35 2.34 5.83
CA ARG A 23 0.09 2.80 7.20
C ARG A 23 -0.74 4.08 7.19
N SER A 24 -0.82 4.74 6.03
CA SER A 24 -1.69 5.89 5.83
C SER A 24 -2.91 5.44 5.02
N CYS A 25 -3.93 6.28 4.90
CA CYS A 25 -5.13 5.87 4.19
C CYS A 25 -4.92 5.92 2.68
N HIS A 26 -5.47 4.94 1.98
CA HIS A 26 -5.34 4.79 0.54
C HIS A 26 -6.63 4.18 -0.03
N ARG A 27 -6.74 4.13 -1.36
CA ARG A 27 -7.94 3.63 -2.02
C ARG A 27 -8.04 2.12 -1.90
N GLY A 28 -9.26 1.63 -1.65
CA GLY A 28 -9.57 0.21 -1.56
C GLY A 28 -10.54 -0.22 -2.66
N ASP A 29 -11.06 -1.44 -2.55
CA ASP A 29 -11.93 -2.02 -3.57
C ASP A 29 -13.41 -1.68 -3.33
N VAL A 30 -13.74 -1.19 -2.14
CA VAL A 30 -15.11 -0.84 -1.77
C VAL A 30 -15.18 0.51 -1.05
N GLY A 31 -14.02 1.08 -0.70
CA GLY A 31 -13.93 2.36 -0.01
C GLY A 31 -12.49 2.61 0.41
N CYS A 32 -12.23 3.76 1.05
CA CYS A 32 -10.88 4.08 1.49
C CYS A 32 -10.57 3.38 2.81
N VAL A 33 -9.34 2.88 2.93
CA VAL A 33 -8.90 2.10 4.08
C VAL A 33 -7.44 2.39 4.42
N ARG A 34 -7.03 2.01 5.62
CA ARG A 34 -5.64 2.09 6.05
C ARG A 34 -5.28 0.77 6.73
N CYS A 35 -4.02 0.33 6.60
CA CYS A 35 -3.60 -0.99 7.06
C CYS A 35 -2.53 -0.88 8.15
N SER A 36 -1.97 -2.03 8.55
CA SER A 36 -1.03 -2.11 9.66
C SER A 36 0.43 -2.18 9.20
N ASN A 37 0.70 -2.86 8.08
CA ASN A 37 2.05 -3.04 7.57
C ASN A 37 2.01 -3.24 6.05
N ALA A 38 3.15 -3.54 5.43
CA ALA A 38 3.24 -3.72 3.99
C ALA A 38 4.38 -4.62 3.56
N GLN A 39 4.38 -5.03 2.29
CA GLN A 39 5.45 -5.78 1.66
C GLN A 39 5.41 -5.54 0.15
N CYS A 40 6.49 -5.91 -0.55
CA CYS A 40 6.54 -5.79 -2.00
C CYS A 40 6.25 -7.15 -2.62
N THR A 41 5.56 -7.15 -3.77
CA THR A 41 5.10 -8.36 -4.45
C THR A 41 5.34 -8.26 -5.96
N GLY A 42 4.95 -9.31 -6.69
CA GLY A 42 5.12 -9.37 -8.14
C GLY A 42 6.28 -10.30 -8.51
N PHE A 43 6.56 -10.42 -9.81
CA PHE A 43 7.60 -11.29 -10.32
C PHE A 43 8.99 -10.84 -9.86
N LEU A 44 9.16 -9.56 -9.52
CA LEU A 44 10.45 -9.02 -9.14
C LEU A 44 10.33 -7.98 -8.03
N GLY A 45 9.21 -8.00 -7.29
CA GLY A 45 8.98 -7.05 -6.20
C GLY A 45 8.57 -5.67 -6.73
N THR A 46 8.13 -5.59 -7.98
CA THR A 46 7.79 -4.33 -8.63
C THR A 46 6.38 -3.82 -8.27
N THR A 47 5.71 -4.48 -7.33
CA THR A 47 4.37 -4.09 -6.91
C THR A 47 4.30 -3.94 -5.39
N CYS A 48 3.38 -3.10 -4.91
CA CYS A 48 3.18 -2.86 -3.48
C CYS A 48 1.92 -3.56 -2.98
N THR A 49 1.98 -4.11 -1.77
CA THR A 49 0.84 -4.77 -1.13
C THR A 49 0.82 -4.47 0.36
N CYS A 50 -0.38 -4.36 0.94
CA CYS A 50 -0.54 -4.04 2.35
C CYS A 50 -0.88 -5.29 3.16
N ILE A 51 -0.71 -5.20 4.49
CA ILE A 51 -0.93 -6.31 5.40
C ILE A 51 -2.15 -6.04 6.27
N ASN A 52 -2.97 -7.07 6.49
CA ASN A 52 -4.20 -6.96 7.27
C ASN A 52 -3.88 -6.69 8.75
N PRO A 53 -4.82 -6.10 9.49
CA PRO A 53 -6.13 -5.64 9.04
C PRO A 53 -6.01 -4.35 8.23
N CYS A 54 -7.11 -3.98 7.57
CA CYS A 54 -7.19 -2.77 6.75
C CYS A 54 -8.56 -2.09 6.94
N PRO A 55 -8.84 -1.55 8.13
CA PRO A 55 -10.09 -0.88 8.45
C PRO A 55 -10.24 0.45 7.69
N ARG A 56 -11.43 1.04 7.78
CA ARG A 56 -11.73 2.34 7.17
C ARG A 56 -10.92 3.45 7.85
N CYS A 57 -10.94 4.65 7.25
CA CYS A 57 -10.22 5.80 7.78
C CYS A 57 -11.11 7.04 7.83
N ASN A 2 -9.23 11.79 0.62
CA ASN A 2 -8.40 11.42 1.76
C ASN A 2 -7.65 10.11 1.53
N CYS A 3 -7.67 9.62 0.29
CA CYS A 3 -7.09 8.34 -0.06
C CYS A 3 -6.68 8.31 -1.55
N PRO A 4 -5.42 8.64 -1.83
CA PRO A 4 -4.86 8.54 -3.18
C PRO A 4 -4.56 7.08 -3.51
N THR A 5 -4.17 6.82 -4.76
CA THR A 5 -3.89 5.46 -5.22
C THR A 5 -2.44 5.37 -5.72
N ARG A 6 -1.66 4.45 -5.14
CA ARG A 6 -0.29 4.19 -5.56
C ARG A 6 -0.01 2.70 -5.45
N ARG A 7 0.69 2.12 -6.44
CA ARG A 7 1.04 0.71 -6.45
C ARG A 7 2.48 0.48 -6.93
N GLY A 8 3.08 1.51 -7.55
CA GLY A 8 4.43 1.44 -8.10
C GLY A 8 5.50 1.81 -7.07
N LEU A 9 5.13 1.87 -5.79
CA LEU A 9 6.02 2.31 -4.73
C LEU A 9 7.22 1.37 -4.55
N CYS A 10 7.14 0.13 -5.07
CA CYS A 10 8.22 -0.83 -4.94
C CYS A 10 9.13 -0.84 -6.18
N VAL A 11 8.86 0.04 -7.16
CA VAL A 11 9.64 0.06 -8.40
C VAL A 11 10.91 0.90 -8.25
N THR A 12 10.88 1.94 -7.40
CA THR A 12 12.04 2.80 -7.21
C THR A 12 12.04 3.49 -5.84
N SER A 13 10.87 3.69 -5.24
CA SER A 13 10.77 4.35 -3.95
C SER A 13 11.10 3.41 -2.79
N GLY A 14 11.02 2.10 -3.06
CA GLY A 14 11.41 1.06 -2.11
C GLY A 14 10.27 0.68 -1.18
N LEU A 15 10.49 -0.40 -0.40
CA LEU A 15 9.49 -0.92 0.51
C LEU A 15 9.11 0.12 1.57
N THR A 16 10.02 1.03 1.90
CA THR A 16 9.75 2.05 2.90
C THR A 16 8.61 2.95 2.45
N ALA A 17 8.48 3.19 1.14
CA ALA A 17 7.42 4.03 0.63
C ALA A 17 6.11 3.24 0.56
N CYS A 18 6.19 1.94 0.28
CA CYS A 18 5.03 1.08 0.25
C CYS A 18 4.48 0.91 1.67
N ARG A 19 5.37 0.99 2.68
CA ARG A 19 4.97 0.86 4.08
C ARG A 19 4.39 2.17 4.60
N ASN A 20 4.85 3.30 4.07
CA ASN A 20 4.32 4.61 4.44
C ASN A 20 2.97 4.88 3.76
N HIS A 21 2.67 4.15 2.68
CA HIS A 21 1.40 4.27 1.99
C HIS A 21 0.34 3.36 2.61
N CYS A 22 0.77 2.20 3.14
CA CYS A 22 -0.14 1.28 3.80
C CYS A 22 -0.46 1.71 5.23
N ARG A 23 0.43 2.50 5.86
CA ARG A 23 0.20 2.99 7.22
C ARG A 23 -0.58 4.32 7.20
N SER A 24 -1.09 4.69 6.03
CA SER A 24 -1.94 5.86 5.84
C SER A 24 -3.15 5.45 5.00
N CYS A 25 -4.14 6.32 4.88
CA CYS A 25 -5.34 5.97 4.14
C CYS A 25 -5.06 5.98 2.63
N HIS A 26 -5.52 4.93 1.94
CA HIS A 26 -5.30 4.76 0.51
C HIS A 26 -6.50 4.06 -0.12
N ARG A 27 -6.54 4.02 -1.46
CA ARG A 27 -7.63 3.40 -2.19
C ARG A 27 -7.52 1.88 -2.15
N GLY A 28 -8.65 1.20 -1.99
CA GLY A 28 -8.75 -0.25 -1.99
C GLY A 28 -9.57 -0.74 -3.17
N ASP A 29 -9.90 -2.04 -3.18
CA ASP A 29 -10.63 -2.66 -4.27
C ASP A 29 -12.14 -2.47 -4.13
N VAL A 30 -12.62 -2.05 -2.95
CA VAL A 30 -14.04 -1.85 -2.70
C VAL A 30 -14.30 -0.48 -2.06
N GLY A 31 -13.27 0.15 -1.50
CA GLY A 31 -13.37 1.44 -0.84
C GLY A 31 -12.04 1.84 -0.25
N CYS A 32 -11.95 3.01 0.38
CA CYS A 32 -10.70 3.47 0.97
C CYS A 32 -10.48 2.86 2.35
N VAL A 33 -9.22 2.51 2.63
CA VAL A 33 -8.84 1.83 3.87
C VAL A 33 -7.44 2.27 4.31
N ARG A 34 -7.06 1.87 5.53
CA ARG A 34 -5.73 2.08 6.08
C ARG A 34 -5.31 0.78 6.77
N CYS A 35 -4.02 0.44 6.73
CA CYS A 35 -3.56 -0.86 7.19
C CYS A 35 -2.46 -0.73 8.24
N SER A 36 -1.84 -1.87 8.61
CA SER A 36 -0.86 -1.93 9.68
C SER A 36 0.58 -2.04 9.18
N ASN A 37 0.80 -2.77 8.08
CA ASN A 37 2.14 -2.98 7.53
C ASN A 37 2.05 -3.20 6.02
N ALA A 38 3.17 -3.53 5.37
CA ALA A 38 3.20 -3.70 3.91
C ALA A 38 4.32 -4.62 3.46
N GLN A 39 4.26 -5.03 2.18
CA GLN A 39 5.30 -5.80 1.52
C GLN A 39 5.21 -5.53 0.01
N CYS A 40 6.27 -5.90 -0.72
CA CYS A 40 6.29 -5.77 -2.17
C CYS A 40 5.91 -7.10 -2.80
N THR A 41 5.20 -7.04 -3.94
CA THR A 41 4.68 -8.22 -4.62
C THR A 41 4.84 -8.09 -6.14
N GLY A 42 4.37 -9.10 -6.87
CA GLY A 42 4.43 -9.13 -8.33
C GLY A 42 5.84 -9.50 -8.81
N PHE A 43 5.99 -9.66 -10.13
CA PHE A 43 7.28 -10.00 -10.71
C PHE A 43 8.24 -8.84 -10.50
N LEU A 44 9.53 -9.17 -10.24
CA LEU A 44 10.57 -8.19 -9.97
C LEU A 44 10.20 -7.25 -8.81
N GLY A 45 9.14 -7.57 -8.06
CA GLY A 45 8.72 -6.79 -6.90
C GLY A 45 8.14 -5.43 -7.29
N THR A 46 7.67 -5.25 -8.52
CA THR A 46 7.21 -3.97 -9.03
C THR A 46 5.83 -3.55 -8.51
N THR A 47 5.27 -4.26 -7.52
CA THR A 47 3.96 -3.92 -6.98
C THR A 47 4.03 -3.78 -5.46
N CYS A 48 3.12 -2.97 -4.91
CA CYS A 48 3.00 -2.75 -3.48
C CYS A 48 1.70 -3.35 -2.95
N THR A 49 1.76 -3.96 -1.77
CA THR A 49 0.62 -4.60 -1.13
C THR A 49 0.65 -4.33 0.37
N CYS A 50 -0.53 -4.24 1.00
CA CYS A 50 -0.64 -3.95 2.42
C CYS A 50 -0.95 -5.21 3.23
N ILE A 51 -0.76 -5.12 4.55
CA ILE A 51 -0.95 -6.23 5.47
C ILE A 51 -2.12 -5.94 6.41
N ASN A 52 -2.90 -6.99 6.74
CA ASN A 52 -4.07 -6.86 7.58
C ASN A 52 -3.67 -6.56 9.03
N PRO A 53 -4.57 -5.96 9.82
CA PRO A 53 -5.91 -5.53 9.42
C PRO A 53 -5.85 -4.28 8.54
N CYS A 54 -6.95 -4.00 7.84
CA CYS A 54 -7.09 -2.84 6.96
C CYS A 54 -8.47 -2.21 7.13
N PRO A 55 -8.74 -1.58 8.28
CA PRO A 55 -10.01 -0.90 8.54
C PRO A 55 -10.23 0.27 7.58
N ARG A 56 -11.48 0.70 7.45
CA ARG A 56 -11.87 1.72 6.49
C ARG A 56 -11.44 3.11 6.95
N CYS A 57 -11.36 4.05 6.00
CA CYS A 57 -10.98 5.43 6.25
C CYS A 57 -11.68 6.35 5.23
N ASN A 2 -8.50 12.23 1.03
CA ASN A 2 -8.59 11.31 2.17
C ASN A 2 -7.99 9.96 1.81
N CYS A 3 -7.93 9.63 0.51
CA CYS A 3 -7.40 8.37 0.05
C CYS A 3 -6.99 8.46 -1.43
N PRO A 4 -5.74 8.86 -1.69
CA PRO A 4 -5.16 8.86 -3.02
C PRO A 4 -4.81 7.42 -3.44
N THR A 5 -4.38 7.26 -4.70
CA THR A 5 -3.99 5.96 -5.23
C THR A 5 -2.55 6.04 -5.72
N ARG A 6 -1.73 5.02 -5.37
CA ARG A 6 -0.33 4.95 -5.77
C ARG A 6 0.05 3.51 -6.09
N ARG A 7 0.97 3.33 -7.05
CA ARG A 7 1.48 2.04 -7.48
C ARG A 7 2.97 2.16 -7.79
N GLY A 8 3.68 1.03 -7.85
CA GLY A 8 5.09 1.00 -8.22
C GLY A 8 5.99 1.60 -7.14
N LEU A 9 5.46 1.82 -5.94
CA LEU A 9 6.20 2.45 -4.84
C LEU A 9 7.47 1.67 -4.49
N CYS A 10 7.49 0.36 -4.76
CA CYS A 10 8.62 -0.48 -4.41
C CYS A 10 9.71 -0.46 -5.49
N VAL A 11 9.56 0.40 -6.50
CA VAL A 11 10.52 0.52 -7.59
C VAL A 11 11.03 1.96 -7.70
N THR A 12 10.26 2.94 -7.24
CA THR A 12 10.63 4.34 -7.34
C THR A 12 11.12 4.90 -6.01
N SER A 13 10.80 4.23 -4.90
CA SER A 13 11.18 4.67 -3.56
C SER A 13 11.54 3.50 -2.65
N GLY A 14 11.09 2.29 -2.98
CA GLY A 14 11.39 1.09 -2.22
C GLY A 14 10.28 0.74 -1.24
N LEU A 15 10.49 -0.31 -0.44
CA LEU A 15 9.49 -0.82 0.50
C LEU A 15 9.08 0.25 1.51
N THR A 16 9.97 1.20 1.81
CA THR A 16 9.69 2.24 2.79
C THR A 16 8.50 3.09 2.36
N ALA A 17 8.34 3.35 1.06
CA ALA A 17 7.24 4.16 0.56
C ALA A 17 5.97 3.31 0.45
N CYS A 18 6.12 2.02 0.17
CA CYS A 18 4.99 1.10 0.10
C CYS A 18 4.43 0.90 1.50
N ARG A 19 5.28 0.96 2.53
CA ARG A 19 4.86 0.81 3.91
C ARG A 19 4.21 2.09 4.43
N ASN A 20 4.74 3.24 4.00
CA ASN A 20 4.17 4.52 4.40
C ASN A 20 2.83 4.76 3.71
N HIS A 21 2.59 4.12 2.56
CA HIS A 21 1.32 4.24 1.87
C HIS A 21 0.27 3.32 2.49
N CYS A 22 0.69 2.15 2.96
CA CYS A 22 -0.21 1.20 3.61
C CYS A 22 -0.52 1.63 5.05
N ARG A 23 0.39 2.35 5.71
CA ARG A 23 0.18 2.84 7.07
C ARG A 23 -0.55 4.18 7.07
N SER A 24 -0.97 4.64 5.89
CA SER A 24 -1.78 5.83 5.72
C SER A 24 -3.04 5.46 4.95
N CYS A 25 -4.05 6.32 4.95
CA CYS A 25 -5.28 6.02 4.25
C CYS A 25 -5.07 6.08 2.75
N HIS A 26 -5.57 5.08 2.03
CA HIS A 26 -5.41 4.96 0.59
C HIS A 26 -6.65 4.35 -0.04
N ARG A 27 -6.72 4.36 -1.37
CA ARG A 27 -7.88 3.86 -2.10
C ARG A 27 -7.93 2.34 -2.04
N GLY A 28 -9.13 1.81 -1.83
CA GLY A 28 -9.38 0.38 -1.79
C GLY A 28 -10.12 -0.09 -3.05
N ASP A 29 -10.71 -1.28 -3.01
CA ASP A 29 -11.40 -1.85 -4.15
C ASP A 29 -12.89 -1.51 -4.15
N VAL A 30 -13.43 -1.08 -2.99
CA VAL A 30 -14.84 -0.75 -2.85
C VAL A 30 -15.04 0.52 -2.01
N GLY A 31 -13.96 1.09 -1.48
CA GLY A 31 -14.01 2.27 -0.62
C GLY A 31 -12.60 2.74 -0.31
N CYS A 32 -12.41 3.30 0.89
CA CYS A 32 -11.08 3.74 1.33
C CYS A 32 -10.73 3.11 2.67
N VAL A 33 -9.46 2.73 2.82
CA VAL A 33 -8.99 1.98 3.98
C VAL A 33 -7.57 2.38 4.36
N ARG A 34 -7.12 1.90 5.53
CA ARG A 34 -5.76 2.06 6.02
C ARG A 34 -5.33 0.75 6.66
N CYS A 35 -4.04 0.41 6.64
CA CYS A 35 -3.56 -0.87 7.13
C CYS A 35 -2.42 -0.69 8.15
N SER A 36 -1.82 -1.80 8.57
CA SER A 36 -0.82 -1.81 9.63
C SER A 36 0.62 -2.02 9.15
N ASN A 37 0.81 -2.70 8.01
CA ASN A 37 2.15 -2.98 7.49
C ASN A 37 2.08 -3.24 5.98
N ALA A 38 3.20 -3.55 5.33
CA ALA A 38 3.24 -3.76 3.89
C ALA A 38 4.36 -4.71 3.47
N GLN A 39 4.30 -5.14 2.20
CA GLN A 39 5.33 -5.93 1.57
C GLN A 39 5.28 -5.69 0.06
N CYS A 40 6.28 -6.17 -0.68
CA CYS A 40 6.28 -6.04 -2.13
C CYS A 40 6.03 -7.38 -2.78
N THR A 41 5.33 -7.37 -3.92
CA THR A 41 4.92 -8.58 -4.63
C THR A 41 5.22 -8.47 -6.13
N GLY A 42 4.86 -9.50 -6.88
CA GLY A 42 5.09 -9.56 -8.32
C GLY A 42 6.29 -10.43 -8.64
N PHE A 43 6.65 -10.50 -9.93
CA PHE A 43 7.75 -11.34 -10.40
C PHE A 43 9.10 -10.86 -9.89
N LEU A 44 9.21 -9.58 -9.50
CA LEU A 44 10.48 -9.02 -9.07
C LEU A 44 10.28 -8.00 -7.94
N GLY A 45 9.15 -8.07 -7.24
CA GLY A 45 8.86 -7.17 -6.13
C GLY A 45 8.47 -5.78 -6.62
N THR A 46 8.04 -5.66 -7.89
CA THR A 46 7.72 -4.38 -8.50
C THR A 46 6.31 -3.88 -8.15
N THR A 47 5.58 -4.62 -7.31
CA THR A 47 4.23 -4.26 -6.90
C THR A 47 4.19 -4.05 -5.38
N CYS A 48 3.26 -3.21 -4.91
CA CYS A 48 3.09 -2.92 -3.50
C CYS A 48 1.79 -3.55 -2.98
N THR A 49 1.86 -4.16 -1.79
CA THR A 49 0.71 -4.80 -1.15
C THR A 49 0.72 -4.50 0.35
N CYS A 50 -0.46 -4.40 0.95
CA CYS A 50 -0.59 -4.08 2.37
C CYS A 50 -0.89 -5.34 3.19
N ILE A 51 -0.71 -5.22 4.51
CA ILE A 51 -0.90 -6.31 5.45
C ILE A 51 -2.10 -6.04 6.36
N ASN A 52 -2.82 -7.08 6.74
CA ASN A 52 -4.01 -6.97 7.57
C ASN A 52 -3.63 -6.65 9.02
N PRO A 53 -4.54 -6.03 9.78
CA PRO A 53 -5.87 -5.60 9.38
C PRO A 53 -5.81 -4.36 8.49
N CYS A 54 -6.92 -4.07 7.82
CA CYS A 54 -7.06 -2.90 6.95
C CYS A 54 -8.43 -2.25 7.18
N PRO A 55 -8.66 -1.61 8.33
CA PRO A 55 -9.90 -0.94 8.64
C PRO A 55 -10.14 0.26 7.73
N ARG A 56 -11.39 0.74 7.70
CA ARG A 56 -11.81 1.84 6.83
C ARG A 56 -11.30 3.18 7.34
N CYS A 57 -11.28 4.17 6.44
CA CYS A 57 -10.83 5.52 6.74
C CYS A 57 -11.60 6.53 5.89
N ASN A 2 -8.79 12.41 0.88
CA ASN A 2 -7.87 12.05 1.94
C ASN A 2 -7.36 10.62 1.75
N CYS A 3 -7.62 10.03 0.58
CA CYS A 3 -7.18 8.67 0.27
C CYS A 3 -6.90 8.55 -1.23
N PRO A 4 -5.70 8.92 -1.67
CA PRO A 4 -5.25 8.81 -3.05
C PRO A 4 -4.90 7.36 -3.39
N THR A 5 -4.52 7.13 -4.65
CA THR A 5 -4.11 5.81 -5.13
C THR A 5 -2.66 5.88 -5.60
N ARG A 6 -1.85 4.87 -5.26
CA ARG A 6 -0.45 4.80 -5.68
C ARG A 6 -0.06 3.37 -6.02
N ARG A 7 0.85 3.22 -6.99
CA ARG A 7 1.38 1.93 -7.44
C ARG A 7 2.86 2.09 -7.76
N GLY A 8 3.58 0.97 -7.85
CA GLY A 8 4.98 0.96 -8.23
C GLY A 8 5.90 1.55 -7.16
N LEU A 9 5.42 1.67 -5.92
CA LEU A 9 6.18 2.26 -4.84
C LEU A 9 7.48 1.47 -4.58
N CYS A 10 7.47 0.17 -4.86
CA CYS A 10 8.62 -0.69 -4.66
C CYS A 10 9.63 -0.57 -5.81
N VAL A 11 9.40 0.34 -6.76
CA VAL A 11 10.25 0.50 -7.93
C VAL A 11 10.83 1.91 -8.02
N THR A 12 10.31 2.86 -7.24
CA THR A 12 10.76 4.25 -7.32
C THR A 12 11.17 4.79 -5.95
N SER A 13 10.77 4.12 -4.87
CA SER A 13 11.09 4.55 -3.51
C SER A 13 11.44 3.38 -2.59
N GLY A 14 11.03 2.16 -2.96
CA GLY A 14 11.32 0.96 -2.20
C GLY A 14 10.21 0.65 -1.21
N LEU A 15 10.42 -0.39 -0.39
CA LEU A 15 9.43 -0.87 0.56
C LEU A 15 9.03 0.20 1.55
N THR A 16 9.91 1.16 1.85
CA THR A 16 9.63 2.20 2.83
C THR A 16 8.44 3.05 2.41
N ALA A 17 8.27 3.30 1.10
CA ALA A 17 7.15 4.10 0.62
C ALA A 17 5.90 3.24 0.52
N CYS A 18 6.07 1.94 0.27
CA CYS A 18 4.93 1.01 0.21
C CYS A 18 4.37 0.81 1.61
N ARG A 19 5.21 0.90 2.65
CA ARG A 19 4.78 0.73 4.02
C ARG A 19 4.16 2.02 4.56
N ASN A 20 4.66 3.17 4.10
CA ASN A 20 4.10 4.46 4.50
C ASN A 20 2.76 4.70 3.82
N HIS A 21 2.56 4.13 2.62
CA HIS A 21 1.30 4.28 1.89
C HIS A 21 0.24 3.35 2.47
N CYS A 22 0.64 2.18 2.94
CA CYS A 22 -0.28 1.24 3.58
C CYS A 22 -0.67 1.70 4.97
N ARG A 23 0.19 2.44 5.67
CA ARG A 23 -0.12 2.96 7.00
C ARG A 23 -0.94 4.25 6.91
N SER A 24 -0.88 4.92 5.76
CA SER A 24 -1.71 6.09 5.49
C SER A 24 -3.01 5.62 4.83
N CYS A 25 -4.03 6.47 4.81
CA CYS A 25 -5.28 6.11 4.17
C CYS A 25 -5.11 6.16 2.67
N HIS A 26 -5.61 5.12 1.98
CA HIS A 26 -5.48 4.99 0.54
C HIS A 26 -6.73 4.36 -0.05
N ARG A 27 -6.83 4.36 -1.38
CA ARG A 27 -8.01 3.86 -2.07
C ARG A 27 -8.06 2.32 -2.03
N GLY A 28 -9.26 1.77 -1.83
CA GLY A 28 -9.49 0.33 -1.79
C GLY A 28 -10.39 -0.11 -2.95
N ASP A 29 -10.90 -1.34 -2.86
CA ASP A 29 -11.70 -1.93 -3.93
C ASP A 29 -13.20 -1.59 -3.77
N VAL A 30 -13.60 -1.16 -2.58
CA VAL A 30 -14.99 -0.82 -2.30
C VAL A 30 -15.11 0.50 -1.52
N GLY A 31 -13.99 1.02 -1.03
CA GLY A 31 -13.96 2.25 -0.25
C GLY A 31 -12.54 2.54 0.21
N CYS A 32 -12.33 3.65 0.93
CA CYS A 32 -11.01 3.99 1.41
C CYS A 32 -10.70 3.28 2.73
N VAL A 33 -9.45 2.84 2.86
CA VAL A 33 -9.00 2.06 4.01
C VAL A 33 -7.55 2.40 4.36
N ARG A 34 -7.10 1.91 5.51
CA ARG A 34 -5.70 2.01 5.93
C ARG A 34 -5.32 0.70 6.62
N CYS A 35 -4.03 0.35 6.61
CA CYS A 35 -3.56 -0.94 7.09
C CYS A 35 -2.45 -0.78 8.13
N SER A 36 -1.85 -1.91 8.54
CA SER A 36 -0.84 -1.94 9.59
C SER A 36 0.59 -1.99 9.06
N ASN A 37 0.82 -2.75 7.99
CA ASN A 37 2.14 -2.98 7.42
C ASN A 37 2.03 -3.21 5.92
N ALA A 38 3.16 -3.54 5.28
CA ALA A 38 3.21 -3.74 3.84
C ALA A 38 4.38 -4.64 3.42
N GLN A 39 4.35 -5.10 2.17
CA GLN A 39 5.44 -5.84 1.55
C GLN A 39 5.41 -5.61 0.04
N CYS A 40 6.51 -5.95 -0.64
CA CYS A 40 6.59 -5.85 -2.08
C CYS A 40 6.24 -7.20 -2.70
N THR A 41 5.53 -7.18 -3.83
CA THR A 41 5.04 -8.39 -4.49
C THR A 41 5.27 -8.31 -6.00
N GLY A 42 4.79 -9.33 -6.72
CA GLY A 42 4.96 -9.41 -8.16
C GLY A 42 6.11 -10.35 -8.54
N PHE A 43 6.38 -10.46 -9.84
CA PHE A 43 7.40 -11.36 -10.36
C PHE A 43 8.81 -10.93 -9.94
N LEU A 44 8.99 -9.65 -9.60
CA LEU A 44 10.31 -9.13 -9.25
C LEU A 44 10.22 -8.06 -8.16
N GLY A 45 9.14 -8.09 -7.36
CA GLY A 45 8.95 -7.12 -6.29
C GLY A 45 8.52 -5.75 -6.82
N THR A 46 8.04 -5.70 -8.07
CA THR A 46 7.67 -4.46 -8.73
C THR A 46 6.27 -3.96 -8.35
N THR A 47 5.62 -4.61 -7.37
CA THR A 47 4.28 -4.23 -6.94
C THR A 47 4.27 -4.02 -5.41
N CYS A 48 3.28 -3.26 -4.91
CA CYS A 48 3.13 -2.98 -3.49
C CYS A 48 1.83 -3.60 -2.98
N THR A 49 1.88 -4.20 -1.79
CA THR A 49 0.72 -4.83 -1.16
C THR A 49 0.74 -4.55 0.34
N CYS A 50 -0.45 -4.41 0.94
CA CYS A 50 -0.60 -4.09 2.35
C CYS A 50 -0.88 -5.35 3.18
N ILE A 51 -0.71 -5.23 4.50
CA ILE A 51 -0.88 -6.33 5.44
C ILE A 51 -2.11 -6.07 6.33
N ASN A 52 -2.81 -7.13 6.72
CA ASN A 52 -4.02 -7.02 7.53
C ASN A 52 -3.66 -6.73 8.99
N PRO A 53 -4.58 -6.11 9.75
CA PRO A 53 -5.89 -5.67 9.32
C PRO A 53 -5.82 -4.40 8.47
N CYS A 54 -6.92 -4.09 7.78
CA CYS A 54 -7.03 -2.91 6.95
C CYS A 54 -8.39 -2.24 7.19
N PRO A 55 -8.59 -1.62 8.37
CA PRO A 55 -9.83 -0.94 8.71
C PRO A 55 -10.09 0.27 7.81
N ARG A 56 -11.34 0.74 7.80
CA ARG A 56 -11.76 1.85 6.95
C ARG A 56 -11.23 3.18 7.45
N CYS A 57 -11.20 4.17 6.56
CA CYS A 57 -10.74 5.52 6.87
C CYS A 57 -11.53 6.53 6.03
N ASN A 2 -8.26 12.37 0.22
CA ASN A 2 -7.42 12.05 1.37
C ASN A 2 -6.90 10.60 1.30
N CYS A 3 -7.13 9.94 0.16
CA CYS A 3 -6.72 8.56 -0.06
C CYS A 3 -6.44 8.32 -1.55
N PRO A 4 -5.23 8.64 -2.01
CA PRO A 4 -4.81 8.45 -3.39
C PRO A 4 -4.56 6.97 -3.69
N THR A 5 -4.26 6.66 -4.96
CA THR A 5 -4.02 5.30 -5.40
C THR A 5 -2.60 5.18 -5.94
N ARG A 6 -1.78 4.31 -5.34
CA ARG A 6 -0.41 4.07 -5.77
C ARG A 6 -0.07 2.59 -5.56
N ARG A 7 0.58 1.96 -6.54
CA ARG A 7 0.98 0.55 -6.46
C ARG A 7 2.43 0.37 -6.89
N GLY A 8 3.02 1.39 -7.54
CA GLY A 8 4.38 1.33 -8.05
C GLY A 8 5.42 1.77 -7.01
N LEU A 9 5.00 1.91 -5.75
CA LEU A 9 5.86 2.43 -4.69
C LEU A 9 7.10 1.56 -4.47
N CYS A 10 7.03 0.28 -4.82
CA CYS A 10 8.15 -0.64 -4.69
C CYS A 10 9.17 -0.47 -5.80
N VAL A 11 8.96 0.50 -6.70
CA VAL A 11 9.87 0.77 -7.81
C VAL A 11 10.29 2.25 -7.82
N THR A 12 9.46 3.13 -7.26
CA THR A 12 9.75 4.57 -7.24
C THR A 12 10.53 4.97 -6.00
N SER A 13 10.58 4.10 -4.97
CA SER A 13 11.33 4.35 -3.76
C SER A 13 11.73 3.07 -3.06
N GLY A 14 10.82 2.08 -3.09
CA GLY A 14 11.04 0.78 -2.47
C GLY A 14 10.00 0.48 -1.40
N LEU A 15 10.26 -0.53 -0.57
CA LEU A 15 9.34 -0.96 0.46
C LEU A 15 9.04 0.16 1.46
N THR A 16 9.96 1.10 1.64
CA THR A 16 9.78 2.19 2.59
C THR A 16 8.58 3.06 2.21
N ALA A 17 8.38 3.33 0.92
CA ALA A 17 7.25 4.14 0.50
C ALA A 17 5.97 3.31 0.47
N CYS A 18 6.08 2.01 0.20
CA CYS A 18 4.94 1.12 0.20
C CYS A 18 4.41 0.96 1.62
N ARG A 19 5.29 1.01 2.63
CA ARG A 19 4.88 0.89 4.02
C ARG A 19 4.30 2.21 4.51
N ASN A 20 4.85 3.32 4.05
CA ASN A 20 4.36 4.64 4.42
C ASN A 20 3.00 4.92 3.76
N HIS A 21 2.66 4.15 2.72
CA HIS A 21 1.38 4.27 2.02
C HIS A 21 0.31 3.36 2.65
N CYS A 22 0.74 2.22 3.20
CA CYS A 22 -0.17 1.32 3.89
C CYS A 22 -0.43 1.79 5.32
N ARG A 23 0.46 2.62 5.88
CA ARG A 23 0.31 3.20 7.21
C ARG A 23 -0.50 4.49 7.16
N SER A 24 -1.01 4.83 5.98
CA SER A 24 -1.88 5.98 5.76
C SER A 24 -3.09 5.54 4.95
N CYS A 25 -4.09 6.40 4.83
CA CYS A 25 -5.31 6.04 4.11
C CYS A 25 -5.05 6.07 2.61
N HIS A 26 -5.52 5.03 1.91
CA HIS A 26 -5.34 4.86 0.47
C HIS A 26 -6.56 4.19 -0.13
N ARG A 27 -6.63 4.15 -1.47
CA ARG A 27 -7.77 3.57 -2.16
C ARG A 27 -7.75 2.04 -2.06
N GLY A 28 -8.93 1.45 -1.86
CA GLY A 28 -9.12 0.01 -1.81
C GLY A 28 -10.03 -0.47 -2.94
N ASP A 29 -10.51 -1.71 -2.87
CA ASP A 29 -11.32 -2.31 -3.92
C ASP A 29 -12.80 -1.96 -3.81
N VAL A 30 -13.22 -1.39 -2.67
CA VAL A 30 -14.62 -1.01 -2.45
C VAL A 30 -14.74 0.37 -1.78
N GLY A 31 -13.61 0.92 -1.31
CA GLY A 31 -13.57 2.21 -0.64
C GLY A 31 -12.16 2.45 -0.10
N CYS A 32 -11.95 3.59 0.55
CA CYS A 32 -10.64 3.91 1.10
C CYS A 32 -10.42 3.22 2.44
N VAL A 33 -9.19 2.75 2.68
CA VAL A 33 -8.83 2.00 3.87
C VAL A 33 -7.40 2.34 4.30
N ARG A 34 -7.03 1.88 5.50
CA ARG A 34 -5.68 2.01 6.05
C ARG A 34 -5.29 0.69 6.69
N CYS A 35 -4.00 0.36 6.75
CA CYS A 35 -3.56 -0.96 7.20
C CYS A 35 -2.45 -0.86 8.24
N SER A 36 -1.90 -2.01 8.64
CA SER A 36 -0.94 -2.12 9.72
C SER A 36 0.51 -2.17 9.23
N ASN A 37 0.76 -2.84 8.10
CA ASN A 37 2.10 -3.02 7.57
C ASN A 37 2.03 -3.22 6.04
N ALA A 38 3.16 -3.51 5.40
CA ALA A 38 3.21 -3.68 3.95
C ALA A 38 4.35 -4.60 3.51
N GLN A 39 4.29 -5.01 2.24
CA GLN A 39 5.34 -5.78 1.59
C GLN A 39 5.28 -5.53 0.08
N CYS A 40 6.34 -5.93 -0.64
CA CYS A 40 6.37 -5.81 -2.09
C CYS A 40 6.05 -7.17 -2.72
N THR A 41 5.33 -7.15 -3.84
CA THR A 41 4.85 -8.34 -4.53
C THR A 41 5.04 -8.23 -6.03
N GLY A 42 4.60 -9.26 -6.77
CA GLY A 42 4.72 -9.31 -8.22
C GLY A 42 5.85 -10.24 -8.65
N PHE A 43 6.09 -10.32 -9.96
CA PHE A 43 7.10 -11.20 -10.54
C PHE A 43 8.51 -10.79 -10.13
N LEU A 44 8.71 -9.53 -9.74
CA LEU A 44 10.03 -9.02 -9.39
C LEU A 44 9.95 -8.01 -8.24
N GLY A 45 8.86 -8.05 -7.46
CA GLY A 45 8.68 -7.13 -6.35
C GLY A 45 8.31 -5.73 -6.81
N THR A 46 7.84 -5.60 -8.06
CA THR A 46 7.54 -4.30 -8.67
C THR A 46 6.16 -3.77 -8.30
N THR A 47 5.47 -4.41 -7.35
CA THR A 47 4.14 -4.00 -6.92
C THR A 47 4.09 -3.87 -5.40
N CYS A 48 3.22 -2.98 -4.89
CA CYS A 48 3.05 -2.75 -3.47
C CYS A 48 1.76 -3.41 -2.96
N THR A 49 1.82 -4.00 -1.76
CA THR A 49 0.67 -4.64 -1.13
C THR A 49 0.70 -4.36 0.37
N CYS A 50 -0.49 -4.27 0.98
CA CYS A 50 -0.61 -3.98 2.41
C CYS A 50 -0.92 -5.25 3.20
N ILE A 51 -0.71 -5.19 4.52
CA ILE A 51 -0.91 -6.32 5.43
C ILE A 51 -2.14 -6.09 6.29
N ASN A 52 -2.84 -7.16 6.65
CA ASN A 52 -4.06 -7.08 7.47
C ASN A 52 -3.72 -6.80 8.93
N PRO A 53 -4.65 -6.20 9.69
CA PRO A 53 -5.96 -5.74 9.25
C PRO A 53 -5.86 -4.47 8.41
N CYS A 54 -6.95 -4.15 7.70
CA CYS A 54 -7.06 -2.97 6.87
C CYS A 54 -8.43 -2.30 7.08
N PRO A 55 -8.67 -1.69 8.24
CA PRO A 55 -9.91 -0.99 8.54
C PRO A 55 -10.13 0.19 7.60
N ARG A 56 -11.39 0.66 7.50
CA ARG A 56 -11.76 1.73 6.59
C ARG A 56 -11.34 3.10 7.12
N CYS A 57 -11.27 4.08 6.20
CA CYS A 57 -10.87 5.44 6.51
C CYS A 57 -11.65 6.42 5.63
N ASN A 2 -7.35 13.06 1.95
CA ASN A 2 -7.29 12.45 0.63
C ASN A 2 -6.79 11.01 0.75
N CYS A 3 -7.15 10.17 -0.23
CA CYS A 3 -6.76 8.76 -0.25
C CYS A 3 -6.59 8.29 -1.69
N PRO A 4 -5.43 8.59 -2.30
CA PRO A 4 -5.12 8.24 -3.68
C PRO A 4 -4.79 6.76 -3.83
N THR A 5 -4.57 6.31 -5.07
CA THR A 5 -4.25 4.92 -5.37
C THR A 5 -2.82 4.84 -5.90
N ARG A 6 -1.96 4.04 -5.23
CA ARG A 6 -0.58 3.80 -5.64
C ARG A 6 -0.25 2.34 -5.41
N ARG A 7 0.45 1.71 -6.37
CA ARG A 7 0.89 0.33 -6.28
C ARG A 7 2.32 0.15 -6.79
N GLY A 8 2.88 1.16 -7.44
CA GLY A 8 4.22 1.11 -8.01
C GLY A 8 5.29 1.58 -7.04
N LEU A 9 4.93 1.77 -5.76
CA LEU A 9 5.83 2.33 -4.76
C LEU A 9 7.09 1.48 -4.57
N CYS A 10 7.02 0.19 -4.88
CA CYS A 10 8.15 -0.72 -4.72
C CYS A 10 9.17 -0.54 -5.85
N VAL A 11 8.94 0.40 -6.77
CA VAL A 11 9.85 0.66 -7.89
C VAL A 11 10.20 2.15 -7.99
N THR A 12 9.36 3.03 -7.47
CA THR A 12 9.59 4.47 -7.57
C THR A 12 10.24 5.03 -6.31
N SER A 13 10.13 4.35 -5.17
CA SER A 13 10.69 4.81 -3.91
C SER A 13 11.19 3.68 -3.03
N GLY A 14 10.69 2.46 -3.24
CA GLY A 14 11.11 1.29 -2.48
C GLY A 14 10.07 0.89 -1.43
N LEU A 15 10.39 -0.15 -0.65
CA LEU A 15 9.48 -0.70 0.35
C LEU A 15 9.10 0.33 1.40
N THR A 16 9.98 1.30 1.69
CA THR A 16 9.71 2.30 2.70
C THR A 16 8.49 3.14 2.34
N ALA A 17 8.28 3.41 1.04
CA ALA A 17 7.14 4.20 0.62
C ALA A 17 5.89 3.33 0.57
N CYS A 18 6.04 2.04 0.29
CA CYS A 18 4.94 1.10 0.27
C CYS A 18 4.42 0.89 1.70
N ARG A 19 5.32 0.98 2.69
CA ARG A 19 4.98 0.81 4.09
C ARG A 19 4.32 2.07 4.66
N ASN A 20 4.74 3.24 4.15
CA ASN A 20 4.17 4.50 4.57
C ASN A 20 2.81 4.75 3.91
N HIS A 21 2.56 4.13 2.75
CA HIS A 21 1.30 4.28 2.05
C HIS A 21 0.24 3.36 2.63
N CYS A 22 0.63 2.15 3.07
CA CYS A 22 -0.29 1.23 3.70
C CYS A 22 -0.61 1.67 5.12
N ARG A 23 0.28 2.46 5.76
CA ARG A 23 0.05 3.00 7.10
C ARG A 23 -0.65 4.35 7.03
N SER A 24 -1.18 4.70 5.86
CA SER A 24 -1.93 5.92 5.65
C SER A 24 -3.20 5.60 4.87
N CYS A 25 -4.13 6.56 4.79
CA CYS A 25 -5.38 6.34 4.12
C CYS A 25 -5.17 6.31 2.60
N HIS A 26 -5.58 5.21 1.95
CA HIS A 26 -5.41 5.04 0.52
C HIS A 26 -6.65 4.38 -0.06
N ARG A 27 -6.81 4.42 -1.38
CA ARG A 27 -7.97 3.85 -2.04
C ARG A 27 -7.89 2.32 -2.05
N GLY A 28 -9.00 1.66 -1.73
CA GLY A 28 -9.11 0.20 -1.73
C GLY A 28 -9.83 -0.30 -2.96
N ASP A 29 -10.48 -1.45 -2.85
CA ASP A 29 -11.21 -2.05 -3.96
C ASP A 29 -12.66 -1.56 -4.04
N VAL A 30 -13.18 -1.01 -2.94
CA VAL A 30 -14.55 -0.52 -2.86
C VAL A 30 -14.66 0.79 -2.09
N GLY A 31 -13.58 1.20 -1.40
CA GLY A 31 -13.56 2.43 -0.62
C GLY A 31 -12.17 2.62 -0.02
N CYS A 32 -11.92 3.77 0.61
CA CYS A 32 -10.61 4.05 1.18
C CYS A 32 -10.41 3.34 2.51
N VAL A 33 -9.19 2.84 2.72
CA VAL A 33 -8.83 2.07 3.90
C VAL A 33 -7.38 2.36 4.29
N ARG A 34 -6.99 1.91 5.48
CA ARG A 34 -5.62 1.99 6.00
C ARG A 34 -5.29 0.66 6.66
N CYS A 35 -4.01 0.28 6.67
CA CYS A 35 -3.59 -1.04 7.14
C CYS A 35 -2.48 -0.93 8.20
N SER A 36 -1.93 -2.09 8.60
CA SER A 36 -0.97 -2.18 9.68
C SER A 36 0.48 -2.25 9.18
N ASN A 37 0.71 -2.94 8.06
CA ASN A 37 2.05 -3.12 7.53
C ASN A 37 1.99 -3.31 6.01
N ALA A 38 3.12 -3.60 5.36
CA ALA A 38 3.19 -3.75 3.92
C ALA A 38 4.36 -4.64 3.50
N GLN A 39 4.35 -5.07 2.24
CA GLN A 39 5.44 -5.79 1.62
C GLN A 39 5.40 -5.60 0.10
N CYS A 40 6.49 -5.95 -0.58
CA CYS A 40 6.54 -5.87 -2.03
C CYS A 40 6.30 -7.27 -2.62
N THR A 41 5.54 -7.32 -3.72
CA THR A 41 5.16 -8.58 -4.37
C THR A 41 5.27 -8.47 -5.88
N GLY A 42 4.91 -9.54 -6.60
CA GLY A 42 4.98 -9.60 -8.05
C GLY A 42 6.09 -10.53 -8.51
N PHE A 43 6.34 -10.54 -9.82
CA PHE A 43 7.36 -11.40 -10.42
C PHE A 43 8.77 -11.00 -9.98
N LEU A 44 8.96 -9.75 -9.57
CA LEU A 44 10.27 -9.24 -9.18
C LEU A 44 10.16 -8.21 -8.06
N GLY A 45 9.05 -8.23 -7.30
CA GLY A 45 8.82 -7.31 -6.21
C GLY A 45 8.43 -5.91 -6.70
N THR A 46 7.98 -5.81 -7.95
CA THR A 46 7.67 -4.54 -8.59
C THR A 46 6.28 -3.99 -8.22
N THR A 47 5.58 -4.62 -7.27
CA THR A 47 4.26 -4.18 -6.86
C THR A 47 4.18 -4.05 -5.35
N CYS A 48 3.42 -3.07 -4.86
CA CYS A 48 3.21 -2.84 -3.43
C CYS A 48 1.93 -3.53 -2.97
N THR A 49 1.95 -4.10 -1.77
CA THR A 49 0.79 -4.75 -1.17
C THR A 49 0.77 -4.50 0.34
N CYS A 50 -0.42 -4.36 0.91
CA CYS A 50 -0.59 -4.06 2.33
C CYS A 50 -0.90 -5.33 3.13
N ILE A 51 -0.75 -5.24 4.46
CA ILE A 51 -0.96 -6.36 5.37
C ILE A 51 -2.13 -6.05 6.31
N ASN A 52 -3.00 -7.04 6.53
CA ASN A 52 -4.18 -6.89 7.37
C ASN A 52 -3.78 -6.78 8.85
N PRO A 53 -4.65 -6.23 9.70
CA PRO A 53 -5.96 -5.65 9.39
C PRO A 53 -5.87 -4.42 8.50
N CYS A 54 -7.00 -4.08 7.86
CA CYS A 54 -7.11 -2.90 6.99
C CYS A 54 -8.45 -2.21 7.22
N PRO A 55 -8.65 -1.55 8.37
CA PRO A 55 -9.87 -0.81 8.69
C PRO A 55 -10.06 0.39 7.75
N ARG A 56 -11.27 0.95 7.73
CA ARG A 56 -11.60 2.07 6.87
C ARG A 56 -11.04 3.38 7.41
N CYS A 57 -11.01 4.41 6.56
CA CYS A 57 -10.49 5.72 6.89
C CYS A 57 -11.19 6.82 6.07
N ASN A 2 -8.65 12.05 0.25
CA ASN A 2 -7.88 11.65 1.43
C ASN A 2 -7.32 10.24 1.26
N CYS A 3 -7.48 9.65 0.07
CA CYS A 3 -7.04 8.30 -0.22
C CYS A 3 -6.72 8.15 -1.71
N PRO A 4 -5.48 8.47 -2.11
CA PRO A 4 -4.99 8.30 -3.47
C PRO A 4 -4.68 6.83 -3.76
N THR A 5 -4.26 6.53 -4.99
CA THR A 5 -3.90 5.18 -5.40
C THR A 5 -2.47 5.15 -5.92
N ARG A 6 -1.62 4.31 -5.31
CA ARG A 6 -0.24 4.14 -5.73
C ARG A 6 0.15 2.67 -5.55
N ARG A 7 0.74 2.07 -6.58
CA ARG A 7 1.20 0.67 -6.55
C ARG A 7 2.67 0.56 -6.96
N GLY A 8 3.22 1.61 -7.57
CA GLY A 8 4.59 1.61 -8.09
C GLY A 8 5.62 1.97 -7.02
N LEU A 9 5.21 1.98 -5.75
CA LEU A 9 6.06 2.40 -4.65
C LEU A 9 7.24 1.44 -4.45
N CYS A 10 7.17 0.22 -5.01
CA CYS A 10 8.23 -0.75 -4.89
C CYS A 10 9.16 -0.76 -6.11
N VAL A 11 8.92 0.13 -7.08
CA VAL A 11 9.70 0.18 -8.31
C VAL A 11 10.96 1.03 -8.14
N THR A 12 10.91 2.05 -7.27
CA THR A 12 12.06 2.94 -7.07
C THR A 12 12.06 3.59 -5.69
N SER A 13 10.88 3.77 -5.09
CA SER A 13 10.75 4.42 -3.79
C SER A 13 11.07 3.45 -2.64
N GLY A 14 10.99 2.16 -2.93
CA GLY A 14 11.38 1.10 -2.01
C GLY A 14 10.25 0.71 -1.06
N LEU A 15 10.45 -0.37 -0.29
CA LEU A 15 9.45 -0.90 0.62
C LEU A 15 9.06 0.13 1.67
N THR A 16 9.97 1.04 2.03
CA THR A 16 9.69 2.06 3.03
C THR A 16 8.54 2.95 2.57
N ALA A 17 8.43 3.21 1.27
CA ALA A 17 7.38 4.06 0.74
C ALA A 17 6.07 3.28 0.63
N CYS A 18 6.16 1.96 0.39
CA CYS A 18 4.99 1.10 0.33
C CYS A 18 4.42 0.91 1.73
N ARG A 19 5.28 0.96 2.76
CA ARG A 19 4.85 0.81 4.14
C ARG A 19 4.24 2.10 4.67
N ASN A 20 4.74 3.25 4.20
CA ASN A 20 4.21 4.54 4.58
C ASN A 20 2.87 4.80 3.89
N HIS A 21 2.64 4.13 2.75
CA HIS A 21 1.38 4.24 2.02
C HIS A 21 0.31 3.32 2.62
N CYS A 22 0.74 2.18 3.17
CA CYS A 22 -0.17 1.26 3.83
C CYS A 22 -0.49 1.71 5.26
N ARG A 23 0.40 2.47 5.88
CA ARG A 23 0.16 3.05 7.21
C ARG A 23 -0.59 4.38 7.10
N SER A 24 -1.07 4.70 5.90
CA SER A 24 -1.86 5.88 5.62
C SER A 24 -3.09 5.46 4.83
N CYS A 25 -4.05 6.37 4.65
CA CYS A 25 -5.28 6.02 3.96
C CYS A 25 -5.06 6.00 2.45
N HIS A 26 -5.53 4.94 1.80
CA HIS A 26 -5.35 4.73 0.37
C HIS A 26 -6.58 4.05 -0.21
N ARG A 27 -6.66 3.96 -1.55
CA ARG A 27 -7.80 3.38 -2.22
C ARG A 27 -7.80 1.86 -2.09
N GLY A 28 -8.99 1.28 -1.88
CA GLY A 28 -9.19 -0.15 -1.79
C GLY A 28 -10.08 -0.65 -2.92
N ASP A 29 -10.52 -1.92 -2.83
CA ASP A 29 -11.32 -2.56 -3.86
C ASP A 29 -12.82 -2.29 -3.69
N VAL A 30 -13.24 -1.76 -2.54
CA VAL A 30 -14.64 -1.47 -2.25
C VAL A 30 -14.80 -0.10 -1.59
N GLY A 31 -13.70 0.52 -1.16
CA GLY A 31 -13.72 1.80 -0.48
C GLY A 31 -12.32 2.15 0.01
N CYS A 32 -12.15 3.31 0.64
CA CYS A 32 -10.85 3.71 1.15
C CYS A 32 -10.56 3.06 2.49
N VAL A 33 -9.31 2.64 2.68
CA VAL A 33 -8.87 1.92 3.86
C VAL A 33 -7.45 2.30 4.26
N ARG A 34 -7.05 1.88 5.46
CA ARG A 34 -5.71 2.06 6.00
C ARG A 34 -5.31 0.77 6.69
N CYS A 35 -4.02 0.44 6.70
CA CYS A 35 -3.54 -0.86 7.19
C CYS A 35 -2.42 -0.70 8.22
N SER A 36 -1.79 -1.83 8.61
CA SER A 36 -0.78 -1.85 9.65
C SER A 36 0.65 -1.97 9.11
N ASN A 37 0.85 -2.77 8.06
CA ASN A 37 2.17 -3.04 7.49
C ASN A 37 2.05 -3.25 5.97
N ALA A 38 3.17 -3.59 5.33
CA ALA A 38 3.20 -3.74 3.88
C ALA A 38 4.33 -4.67 3.42
N GLN A 39 4.27 -5.05 2.14
CA GLN A 39 5.30 -5.81 1.46
C GLN A 39 5.26 -5.52 -0.04
N CYS A 40 6.31 -5.90 -0.76
CA CYS A 40 6.36 -5.74 -2.21
C CYS A 40 6.01 -7.06 -2.87
N THR A 41 5.29 -6.99 -4.00
CA THR A 41 4.79 -8.17 -4.71
C THR A 41 4.95 -8.00 -6.22
N GLY A 42 4.45 -8.98 -6.98
CA GLY A 42 4.52 -8.97 -8.43
C GLY A 42 5.60 -9.91 -8.96
N PHE A 43 5.71 -10.00 -10.29
CA PHE A 43 6.67 -10.86 -10.95
C PHE A 43 8.11 -10.42 -10.69
N LEU A 44 8.31 -9.15 -10.31
CA LEU A 44 9.65 -8.59 -10.12
C LEU A 44 9.69 -7.65 -8.91
N GLY A 45 8.68 -7.75 -8.03
CA GLY A 45 8.61 -6.90 -6.85
C GLY A 45 8.19 -5.47 -7.20
N THR A 46 7.66 -5.26 -8.40
CA THR A 46 7.29 -3.95 -8.92
C THR A 46 5.90 -3.49 -8.45
N THR A 47 5.29 -4.20 -7.50
CA THR A 47 3.97 -3.86 -7.00
C THR A 47 4.00 -3.72 -5.47
N CYS A 48 3.12 -2.90 -4.92
CA CYS A 48 3.00 -2.68 -3.48
C CYS A 48 1.72 -3.33 -2.97
N THR A 49 1.79 -3.95 -1.79
CA THR A 49 0.66 -4.60 -1.15
C THR A 49 0.68 -4.36 0.36
N CYS A 50 -0.50 -4.26 0.97
CA CYS A 50 -0.61 -3.98 2.40
C CYS A 50 -0.90 -5.23 3.22
N ILE A 51 -0.74 -5.13 4.54
CA ILE A 51 -0.91 -6.24 5.47
C ILE A 51 -2.05 -5.94 6.44
N ASN A 52 -2.83 -6.98 6.78
CA ASN A 52 -3.98 -6.85 7.66
C ASN A 52 -3.54 -6.51 9.09
N PRO A 53 -4.43 -5.90 9.89
CA PRO A 53 -5.77 -5.48 9.52
C PRO A 53 -5.75 -4.26 8.61
N CYS A 54 -6.87 -4.01 7.93
CA CYS A 54 -7.02 -2.88 7.02
C CYS A 54 -8.40 -2.23 7.20
N PRO A 55 -8.64 -1.57 8.35
CA PRO A 55 -9.89 -0.87 8.64
C PRO A 55 -10.10 0.30 7.67
N ARG A 56 -11.32 0.82 7.62
CA ARG A 56 -11.68 1.90 6.69
C ARG A 56 -11.17 3.25 7.18
N CYS A 57 -11.21 4.23 6.27
CA CYS A 57 -10.79 5.59 6.51
C CYS A 57 -11.59 6.56 5.64
N ASN A 2 -7.19 12.79 2.49
CA ASN A 2 -7.19 12.27 1.14
C ASN A 2 -6.73 10.81 1.15
N CYS A 3 -7.11 10.05 0.12
CA CYS A 3 -6.76 8.65 -0.02
C CYS A 3 -6.54 8.30 -1.50
N PRO A 4 -5.37 8.63 -2.05
CA PRO A 4 -5.01 8.39 -3.44
C PRO A 4 -4.69 6.91 -3.68
N THR A 5 -4.41 6.57 -4.94
CA THR A 5 -4.08 5.21 -5.33
C THR A 5 -2.64 5.16 -5.85
N ARG A 6 -1.84 4.21 -5.36
CA ARG A 6 -0.47 4.00 -5.81
C ARG A 6 -0.18 2.49 -5.83
N ARG A 7 0.58 2.02 -6.82
CA ARG A 7 0.88 0.60 -6.97
C ARG A 7 2.37 0.34 -7.20
N GLY A 8 3.11 1.35 -7.68
CA GLY A 8 4.51 1.19 -8.06
C GLY A 8 5.49 1.69 -7.01
N LEU A 9 5.03 1.88 -5.76
CA LEU A 9 5.85 2.46 -4.70
C LEU A 9 7.13 1.68 -4.44
N CYS A 10 7.16 0.38 -4.76
CA CYS A 10 8.32 -0.44 -4.50
C CYS A 10 9.38 -0.31 -5.60
N VAL A 11 9.15 0.61 -6.56
CA VAL A 11 10.08 0.88 -7.64
C VAL A 11 10.42 2.37 -7.68
N THR A 12 9.54 3.24 -7.17
CA THR A 12 9.77 4.68 -7.18
C THR A 12 10.51 5.12 -5.90
N SER A 13 10.55 4.26 -4.88
CA SER A 13 11.27 4.56 -3.65
C SER A 13 11.71 3.28 -2.95
N GLY A 14 10.84 2.26 -2.98
CA GLY A 14 11.12 0.97 -2.37
C GLY A 14 10.05 0.62 -1.35
N LEU A 15 10.31 -0.42 -0.54
CA LEU A 15 9.36 -0.89 0.47
C LEU A 15 9.02 0.20 1.47
N THR A 16 9.93 1.15 1.70
CA THR A 16 9.71 2.22 2.66
C THR A 16 8.49 3.06 2.29
N ALA A 17 8.32 3.37 1.00
CA ALA A 17 7.18 4.17 0.56
C ALA A 17 5.92 3.30 0.49
N CYS A 18 6.08 2.00 0.22
CA CYS A 18 4.95 1.08 0.19
C CYS A 18 4.40 0.89 1.60
N ARG A 19 5.26 0.96 2.62
CA ARG A 19 4.85 0.80 4.00
C ARG A 19 4.24 2.10 4.52
N ASN A 20 4.78 3.24 4.09
CA ASN A 20 4.27 4.54 4.50
C ASN A 20 2.93 4.85 3.81
N HIS A 21 2.61 4.13 2.73
CA HIS A 21 1.34 4.29 2.04
C HIS A 21 0.29 3.34 2.60
N CYS A 22 0.72 2.18 3.10
CA CYS A 22 -0.19 1.24 3.74
C CYS A 22 -0.53 1.67 5.16
N ARG A 23 0.35 2.45 5.81
CA ARG A 23 0.14 2.95 7.16
C ARG A 23 -0.62 4.28 7.15
N SER A 24 -1.09 4.70 5.98
CA SER A 24 -1.91 5.88 5.78
C SER A 24 -3.14 5.49 4.96
N CYS A 25 -4.13 6.38 4.87
CA CYS A 25 -5.33 6.07 4.13
C CYS A 25 -5.09 6.12 2.62
N HIS A 26 -5.53 5.07 1.92
CA HIS A 26 -5.36 4.94 0.48
C HIS A 26 -6.59 4.26 -0.10
N ARG A 27 -6.72 4.28 -1.43
CA ARG A 27 -7.88 3.69 -2.10
C ARG A 27 -7.77 2.17 -2.11
N GLY A 28 -8.79 1.50 -1.57
CA GLY A 28 -8.87 0.04 -1.54
C GLY A 28 -9.59 -0.49 -2.78
N ASP A 29 -10.12 -1.71 -2.67
CA ASP A 29 -10.77 -2.38 -3.79
C ASP A 29 -12.23 -1.92 -3.98
N VAL A 30 -12.84 -1.37 -2.91
CA VAL A 30 -14.22 -0.92 -2.95
C VAL A 30 -14.41 0.43 -2.25
N GLY A 31 -13.38 0.91 -1.55
CA GLY A 31 -13.43 2.16 -0.83
C GLY A 31 -12.08 2.43 -0.16
N CYS A 32 -11.90 3.60 0.44
CA CYS A 32 -10.63 3.93 1.06
C CYS A 32 -10.45 3.21 2.40
N VAL A 33 -9.23 2.75 2.64
CA VAL A 33 -8.86 1.99 3.83
C VAL A 33 -7.45 2.34 4.28
N ARG A 34 -7.07 1.88 5.47
CA ARG A 34 -5.73 2.04 6.02
C ARG A 34 -5.34 0.72 6.68
N CYS A 35 -4.04 0.39 6.69
CA CYS A 35 -3.57 -0.90 7.16
C CYS A 35 -2.44 -0.75 8.20
N SER A 36 -1.83 -1.87 8.58
CA SER A 36 -0.82 -1.89 9.64
C SER A 36 0.62 -1.99 9.12
N ASN A 37 0.84 -2.76 8.05
CA ASN A 37 2.18 -2.99 7.52
C ASN A 37 2.09 -3.25 6.01
N ALA A 38 3.22 -3.56 5.35
CA ALA A 38 3.25 -3.77 3.92
C ALA A 38 4.37 -4.71 3.49
N GLN A 39 4.31 -5.13 2.22
CA GLN A 39 5.34 -5.91 1.55
C GLN A 39 5.25 -5.65 0.05
N CYS A 40 6.25 -6.09 -0.71
CA CYS A 40 6.22 -5.95 -2.16
C CYS A 40 5.87 -7.29 -2.82
N THR A 41 5.20 -7.22 -3.96
CA THR A 41 4.70 -8.40 -4.68
C THR A 41 4.99 -8.28 -6.17
N GLY A 42 4.59 -9.30 -6.94
CA GLY A 42 4.82 -9.36 -8.38
C GLY A 42 6.01 -10.26 -8.69
N PHE A 43 6.28 -10.45 -9.98
CA PHE A 43 7.33 -11.34 -10.44
C PHE A 43 8.73 -10.80 -10.12
N LEU A 44 8.83 -9.49 -9.87
CA LEU A 44 10.11 -8.83 -9.59
C LEU A 44 10.01 -7.89 -8.39
N GLY A 45 8.92 -8.00 -7.60
CA GLY A 45 8.72 -7.15 -6.44
C GLY A 45 8.36 -5.72 -6.82
N THR A 46 7.95 -5.50 -8.07
CA THR A 46 7.66 -4.18 -8.61
C THR A 46 6.28 -3.66 -8.21
N THR A 47 5.56 -4.38 -7.35
CA THR A 47 4.22 -4.00 -6.92
C THR A 47 4.18 -3.87 -5.40
N CYS A 48 3.25 -3.05 -4.88
CA CYS A 48 3.08 -2.83 -3.46
C CYS A 48 1.81 -3.52 -2.96
N THR A 49 1.86 -4.09 -1.76
CA THR A 49 0.71 -4.74 -1.12
C THR A 49 0.73 -4.47 0.38
N CYS A 50 -0.46 -4.36 0.99
CA CYS A 50 -0.58 -4.05 2.41
C CYS A 50 -0.88 -5.30 3.23
N ILE A 51 -0.69 -5.20 4.55
CA ILE A 51 -0.88 -6.29 5.49
C ILE A 51 -2.07 -6.00 6.41
N ASN A 52 -2.83 -7.05 6.76
CA ASN A 52 -4.00 -6.92 7.60
C ASN A 52 -3.60 -6.60 9.05
N PRO A 53 -4.51 -5.99 9.83
CA PRO A 53 -5.83 -5.57 9.43
C PRO A 53 -5.79 -4.34 8.54
N CYS A 54 -6.90 -4.08 7.83
CA CYS A 54 -7.04 -2.94 6.95
C CYS A 54 -8.42 -2.29 7.13
N PRO A 55 -8.67 -1.66 8.29
CA PRO A 55 -9.93 -0.97 8.57
C PRO A 55 -10.16 0.19 7.60
N ARG A 56 -11.41 0.66 7.54
CA ARG A 56 -11.81 1.72 6.62
C ARG A 56 -11.35 3.09 7.11
N CYS A 57 -11.29 4.06 6.19
CA CYS A 57 -10.90 5.43 6.48
C CYS A 57 -11.67 6.39 5.59
N ASN A 2 -8.12 12.48 0.40
CA ASN A 2 -7.34 12.10 1.55
C ASN A 2 -6.83 10.65 1.44
N CYS A 3 -7.08 10.01 0.29
CA CYS A 3 -6.67 8.64 0.05
C CYS A 3 -6.39 8.43 -1.44
N PRO A 4 -5.17 8.75 -1.89
CA PRO A 4 -4.74 8.58 -3.26
C PRO A 4 -4.50 7.11 -3.59
N THR A 5 -4.22 6.81 -4.87
CA THR A 5 -3.97 5.45 -5.32
C THR A 5 -2.53 5.34 -5.82
N ARG A 6 -1.75 4.43 -5.22
CA ARG A 6 -0.38 4.15 -5.63
C ARG A 6 -0.10 2.66 -5.47
N ARG A 7 0.59 2.07 -6.44
CA ARG A 7 0.94 0.65 -6.41
C ARG A 7 2.36 0.39 -6.89
N GLY A 8 2.98 1.37 -7.57
CA GLY A 8 4.33 1.25 -8.10
C GLY A 8 5.40 1.71 -7.12
N LEU A 9 5.02 1.92 -5.85
CA LEU A 9 5.91 2.47 -4.83
C LEU A 9 7.17 1.62 -4.65
N CYS A 10 7.09 0.32 -4.93
CA CYS A 10 8.21 -0.59 -4.75
C CYS A 10 9.27 -0.41 -5.84
N VAL A 11 8.98 0.44 -6.85
CA VAL A 11 9.90 0.66 -7.96
C VAL A 11 10.29 2.13 -8.08
N THR A 12 9.48 3.04 -7.53
CA THR A 12 9.74 4.47 -7.63
C THR A 12 10.40 5.04 -6.37
N SER A 13 10.27 4.35 -5.23
CA SER A 13 10.83 4.81 -3.98
C SER A 13 11.33 3.67 -3.09
N GLY A 14 10.81 2.45 -3.30
CA GLY A 14 11.21 1.28 -2.55
C GLY A 14 10.14 0.88 -1.53
N LEU A 15 10.39 -0.20 -0.79
CA LEU A 15 9.44 -0.75 0.16
C LEU A 15 9.08 0.25 1.26
N THR A 16 9.98 1.18 1.58
CA THR A 16 9.73 2.16 2.63
C THR A 16 8.54 3.06 2.27
N ALA A 17 8.37 3.36 0.98
CA ALA A 17 7.25 4.18 0.56
C ALA A 17 5.97 3.38 0.51
N CYS A 18 6.07 2.07 0.23
CA CYS A 18 4.93 1.18 0.21
C CYS A 18 4.44 0.96 1.65
N ARG A 19 5.36 1.01 2.62
CA ARG A 19 5.02 0.83 4.02
C ARG A 19 4.43 2.12 4.59
N ASN A 20 4.83 3.26 4.05
CA ASN A 20 4.28 4.54 4.47
C ASN A 20 2.95 4.81 3.77
N HIS A 21 2.63 4.09 2.70
CA HIS A 21 1.36 4.22 2.01
C HIS A 21 0.30 3.32 2.62
N CYS A 22 0.70 2.15 3.12
CA CYS A 22 -0.21 1.22 3.77
C CYS A 22 -0.53 1.65 5.20
N ARG A 23 0.38 2.39 5.87
CA ARG A 23 0.16 2.88 7.21
C ARG A 23 -0.57 4.23 7.21
N SER A 24 -1.08 4.62 6.03
CA SER A 24 -1.88 5.81 5.85
C SER A 24 -3.09 5.45 4.99
N CYS A 25 -4.10 6.32 4.92
CA CYS A 25 -5.30 6.01 4.17
C CYS A 25 -5.02 6.05 2.67
N HIS A 26 -5.48 5.02 1.95
CA HIS A 26 -5.28 4.89 0.52
C HIS A 26 -6.49 4.22 -0.12
N ARG A 27 -6.56 4.21 -1.45
CA ARG A 27 -7.68 3.64 -2.17
C ARG A 27 -7.63 2.11 -2.13
N GLY A 28 -8.79 1.49 -1.89
CA GLY A 28 -8.96 0.05 -1.87
C GLY A 28 -9.74 -0.44 -3.08
N ASP A 29 -10.31 -1.65 -2.98
CA ASP A 29 -11.05 -2.26 -4.08
C ASP A 29 -12.51 -1.82 -4.12
N VAL A 30 -13.03 -1.28 -3.02
CA VAL A 30 -14.42 -0.84 -2.93
C VAL A 30 -14.56 0.51 -2.22
N GLY A 31 -13.48 0.98 -1.58
CA GLY A 31 -13.47 2.24 -0.86
C GLY A 31 -12.09 2.47 -0.25
N CYS A 32 -11.89 3.61 0.42
CA CYS A 32 -10.61 3.92 1.02
C CYS A 32 -10.44 3.21 2.37
N VAL A 33 -9.20 2.77 2.64
CA VAL A 33 -8.86 2.01 3.83
C VAL A 33 -7.45 2.34 4.28
N ARG A 34 -7.08 1.88 5.49
CA ARG A 34 -5.75 2.04 6.06
C ARG A 34 -5.35 0.72 6.71
N CYS A 35 -4.06 0.40 6.74
CA CYS A 35 -3.59 -0.88 7.25
C CYS A 35 -2.46 -0.71 8.27
N SER A 36 -1.87 -1.83 8.72
CA SER A 36 -0.87 -1.83 9.77
C SER A 36 0.56 -2.02 9.27
N ASN A 37 0.75 -2.69 8.13
CA ASN A 37 2.09 -2.95 7.60
C ASN A 37 2.01 -3.19 6.09
N ALA A 38 3.14 -3.50 5.44
CA ALA A 38 3.18 -3.71 4.00
C ALA A 38 4.29 -4.65 3.57
N GLN A 39 4.25 -5.05 2.29
CA GLN A 39 5.27 -5.84 1.64
C GLN A 39 5.24 -5.55 0.13
N CYS A 40 6.25 -6.01 -0.60
CA CYS A 40 6.29 -5.86 -2.05
C CYS A 40 6.11 -7.22 -2.72
N THR A 41 5.40 -7.24 -3.84
CA THR A 41 5.05 -8.46 -4.56
C THR A 41 5.33 -8.31 -6.06
N GLY A 42 5.18 -9.43 -6.79
CA GLY A 42 5.42 -9.47 -8.23
C GLY A 42 6.46 -10.53 -8.57
N PHE A 43 6.74 -10.71 -9.86
CA PHE A 43 7.70 -11.70 -10.31
C PHE A 43 9.13 -11.28 -9.99
N LEU A 44 9.36 -9.97 -9.77
CA LEU A 44 10.66 -9.41 -9.45
C LEU A 44 10.54 -8.37 -8.32
N GLY A 45 9.37 -8.29 -7.69
CA GLY A 45 9.09 -7.29 -6.67
C GLY A 45 8.93 -5.92 -7.32
N THR A 46 7.72 -5.63 -7.81
CA THR A 46 7.44 -4.39 -8.54
C THR A 46 6.08 -3.81 -8.18
N THR A 47 5.37 -4.40 -7.22
CA THR A 47 4.04 -3.93 -6.82
C THR A 47 3.95 -3.84 -5.30
N CYS A 48 3.16 -2.88 -4.82
CA CYS A 48 2.97 -2.67 -3.39
C CYS A 48 1.72 -3.41 -2.90
N THR A 49 1.83 -4.04 -1.72
CA THR A 49 0.72 -4.75 -1.10
C THR A 49 0.71 -4.45 0.40
N CYS A 50 -0.48 -4.38 1.01
CA CYS A 50 -0.62 -4.07 2.42
C CYS A 50 -0.91 -5.32 3.24
N ILE A 51 -0.70 -5.21 4.56
CA ILE A 51 -0.90 -6.32 5.50
C ILE A 51 -2.13 -6.06 6.36
N ASN A 52 -2.87 -7.12 6.69
CA ASN A 52 -4.07 -7.03 7.50
C ASN A 52 -3.74 -6.74 8.97
N PRO A 53 -4.66 -6.13 9.73
CA PRO A 53 -5.98 -5.68 9.30
C PRO A 53 -5.89 -4.42 8.44
N CYS A 54 -6.99 -4.10 7.75
CA CYS A 54 -7.09 -2.93 6.91
C CYS A 54 -8.47 -2.29 7.07
N PRO A 55 -8.75 -1.67 8.23
CA PRO A 55 -10.01 -0.99 8.50
C PRO A 55 -10.21 0.20 7.55
N ARG A 56 -11.46 0.66 7.45
CA ARG A 56 -11.81 1.73 6.53
C ARG A 56 -11.38 3.09 7.06
N CYS A 57 -11.30 4.08 6.15
CA CYS A 57 -10.89 5.44 6.47
C CYS A 57 -11.66 6.43 5.58
N ASN A 2 -7.92 12.35 -0.46
CA ASN A 2 -6.91 12.22 0.58
C ASN A 2 -6.49 10.76 0.75
N CYS A 3 -6.96 9.88 -0.15
CA CYS A 3 -6.67 8.46 -0.12
C CYS A 3 -6.57 7.92 -1.55
N PRO A 4 -5.48 8.27 -2.26
CA PRO A 4 -5.24 7.89 -3.64
C PRO A 4 -4.82 6.43 -3.77
N THR A 5 -4.64 5.97 -5.00
CA THR A 5 -4.20 4.61 -5.30
C THR A 5 -2.76 4.62 -5.81
N ARG A 6 -1.88 3.86 -5.17
CA ARG A 6 -0.48 3.73 -5.59
C ARG A 6 -0.05 2.26 -5.47
N ARG A 7 0.61 1.73 -6.51
CA ARG A 7 1.08 0.35 -6.53
C ARG A 7 2.56 0.27 -6.96
N GLY A 8 3.08 1.33 -7.56
CA GLY A 8 4.45 1.36 -8.07
C GLY A 8 5.47 1.82 -7.02
N LEU A 9 5.06 1.90 -5.76
CA LEU A 9 5.90 2.40 -4.69
C LEU A 9 7.16 1.57 -4.50
N CYS A 10 7.11 0.27 -4.85
CA CYS A 10 8.26 -0.62 -4.71
C CYS A 10 9.25 -0.46 -5.86
N VAL A 11 9.02 0.52 -6.75
CA VAL A 11 9.90 0.76 -7.90
C VAL A 11 10.43 2.19 -7.90
N THR A 12 9.71 3.12 -7.27
CA THR A 12 10.10 4.54 -7.26
C THR A 12 10.81 4.93 -5.96
N SER A 13 10.69 4.09 -4.92
CA SER A 13 11.35 4.35 -3.64
C SER A 13 11.71 3.06 -2.92
N GLY A 14 10.85 2.04 -3.06
CA GLY A 14 11.06 0.73 -2.44
C GLY A 14 10.01 0.46 -1.37
N LEU A 15 10.28 -0.54 -0.52
CA LEU A 15 9.35 -0.96 0.52
C LEU A 15 9.03 0.17 1.49
N THR A 16 9.94 1.12 1.67
CA THR A 16 9.75 2.21 2.62
C THR A 16 8.53 3.07 2.24
N ALA A 17 8.34 3.35 0.95
CA ALA A 17 7.20 4.15 0.53
C ALA A 17 5.93 3.29 0.50
N CYS A 18 6.08 1.99 0.23
CA CYS A 18 4.94 1.08 0.20
C CYS A 18 4.38 0.90 1.60
N ARG A 19 5.25 0.95 2.63
CA ARG A 19 4.83 0.83 4.01
C ARG A 19 4.23 2.13 4.52
N ASN A 20 4.79 3.27 4.07
CA ASN A 20 4.27 4.57 4.46
C ASN A 20 2.94 4.87 3.77
N HIS A 21 2.62 4.13 2.71
CA HIS A 21 1.35 4.29 2.02
C HIS A 21 0.28 3.36 2.61
N CYS A 22 0.70 2.19 3.11
CA CYS A 22 -0.21 1.27 3.77
C CYS A 22 -0.51 1.69 5.20
N ARG A 23 0.39 2.44 5.85
CA ARG A 23 0.18 2.93 7.20
C ARG A 23 -0.59 4.25 7.20
N SER A 24 -1.03 4.68 6.02
CA SER A 24 -1.88 5.85 5.82
C SER A 24 -3.08 5.42 4.99
N CYS A 25 -4.12 6.25 4.92
CA CYS A 25 -5.31 5.85 4.20
C CYS A 25 -5.10 5.97 2.69
N HIS A 26 -5.56 4.96 1.95
CA HIS A 26 -5.41 4.86 0.51
C HIS A 26 -6.64 4.18 -0.08
N ARG A 27 -6.79 4.22 -1.40
CA ARG A 27 -7.95 3.64 -2.05
C ARG A 27 -7.86 2.11 -2.05
N GLY A 28 -8.96 1.46 -1.71
CA GLY A 28 -9.07 0.01 -1.68
C GLY A 28 -9.80 -0.52 -2.91
N ASP A 29 -10.46 -1.67 -2.78
CA ASP A 29 -11.20 -2.29 -3.87
C ASP A 29 -12.64 -1.81 -3.94
N VAL A 30 -13.16 -1.21 -2.86
CA VAL A 30 -14.53 -0.73 -2.81
C VAL A 30 -14.63 0.62 -2.08
N GLY A 31 -13.56 1.04 -1.39
CA GLY A 31 -13.53 2.29 -0.66
C GLY A 31 -12.14 2.49 -0.06
N CYS A 32 -11.91 3.65 0.58
CA CYS A 32 -10.61 3.92 1.16
C CYS A 32 -10.43 3.21 2.49
N VAL A 33 -9.20 2.73 2.73
CA VAL A 33 -8.83 1.98 3.93
C VAL A 33 -7.39 2.29 4.33
N ARG A 34 -7.04 1.92 5.56
CA ARG A 34 -5.71 2.08 6.12
C ARG A 34 -5.30 0.76 6.78
N CYS A 35 -4.03 0.41 6.72
CA CYS A 35 -3.56 -0.90 7.18
C CYS A 35 -2.45 -0.75 8.22
N SER A 36 -1.83 -1.87 8.60
CA SER A 36 -0.82 -1.90 9.66
C SER A 36 0.61 -2.00 9.13
N ASN A 37 0.81 -2.76 8.05
CA ASN A 37 2.15 -3.00 7.50
C ASN A 37 2.05 -3.24 6.00
N ALA A 38 3.18 -3.54 5.34
CA ALA A 38 3.22 -3.73 3.90
C ALA A 38 4.37 -4.63 3.46
N GLN A 39 4.33 -5.05 2.20
CA GLN A 39 5.39 -5.80 1.56
C GLN A 39 5.34 -5.57 0.04
N CYS A 40 6.42 -5.91 -0.66
CA CYS A 40 6.47 -5.80 -2.10
C CYS A 40 6.13 -7.16 -2.73
N THR A 41 5.40 -7.14 -3.86
CA THR A 41 4.92 -8.34 -4.53
C THR A 41 5.09 -8.22 -6.04
N GLY A 42 4.63 -9.24 -6.77
CA GLY A 42 4.74 -9.27 -8.22
C GLY A 42 6.17 -9.62 -8.65
N PHE A 43 6.40 -9.67 -9.96
CA PHE A 43 7.72 -10.00 -10.48
C PHE A 43 8.72 -8.91 -10.10
N LEU A 44 9.93 -9.32 -9.71
CA LEU A 44 11.00 -8.43 -9.28
C LEU A 44 10.55 -7.46 -8.17
N GLY A 45 9.43 -7.76 -7.51
CA GLY A 45 8.93 -6.94 -6.42
C GLY A 45 8.39 -5.60 -6.92
N THR A 46 8.01 -5.51 -8.19
CA THR A 46 7.58 -4.25 -8.81
C THR A 46 6.18 -3.80 -8.41
N THR A 47 5.56 -4.44 -7.41
CA THR A 47 4.22 -4.08 -6.95
C THR A 47 4.21 -3.92 -5.44
N CYS A 48 3.29 -3.10 -4.92
CA CYS A 48 3.12 -2.86 -3.49
C CYS A 48 1.84 -3.51 -3.00
N THR A 49 1.88 -4.08 -1.79
CA THR A 49 0.72 -4.72 -1.16
C THR A 49 0.73 -4.44 0.33
N CYS A 50 -0.45 -4.31 0.94
CA CYS A 50 -0.59 -4.01 2.35
C CYS A 50 -0.90 -5.28 3.17
N ILE A 51 -0.72 -5.18 4.49
CA ILE A 51 -0.92 -6.28 5.41
C ILE A 51 -2.12 -6.01 6.31
N ASN A 52 -2.89 -7.06 6.62
CA ASN A 52 -4.10 -6.96 7.45
C ASN A 52 -3.75 -6.66 8.91
N PRO A 53 -4.67 -6.06 9.66
CA PRO A 53 -5.99 -5.60 9.23
C PRO A 53 -5.90 -4.33 8.39
N CYS A 54 -7.00 -4.01 7.70
CA CYS A 54 -7.09 -2.82 6.86
C CYS A 54 -8.47 -2.16 7.03
N PRO A 55 -8.75 -1.59 8.21
CA PRO A 55 -9.99 -0.89 8.50
C PRO A 55 -10.13 0.39 7.67
N ARG A 56 -11.32 0.97 7.66
CA ARG A 56 -11.60 2.21 6.91
C ARG A 56 -11.08 3.42 7.66
N CYS A 57 -11.13 4.59 7.01
CA CYS A 57 -10.67 5.85 7.59
C CYS A 57 -11.72 6.94 7.47
N ASN A 2 -7.93 12.75 0.98
CA ASN A 2 -7.42 12.16 2.22
C ASN A 2 -7.10 10.67 2.07
N CYS A 3 -7.31 10.09 0.88
CA CYS A 3 -6.97 8.72 0.57
C CYS A 3 -6.68 8.55 -0.92
N PRO A 4 -5.52 9.03 -1.37
CA PRO A 4 -5.10 8.99 -2.76
C PRO A 4 -4.70 7.58 -3.19
N THR A 5 -4.42 7.40 -4.48
CA THR A 5 -4.00 6.12 -5.03
C THR A 5 -2.55 6.19 -5.47
N ARG A 6 -1.71 5.26 -4.99
CA ARG A 6 -0.31 5.16 -5.39
C ARG A 6 0.04 3.68 -5.55
N ARG A 7 0.76 3.35 -6.63
CA ARG A 7 1.14 1.98 -6.94
C ARG A 7 2.57 1.97 -7.49
N GLY A 8 3.22 0.80 -7.49
CA GLY A 8 4.57 0.66 -7.99
C GLY A 8 5.61 1.29 -7.06
N LEU A 9 5.24 1.58 -5.82
CA LEU A 9 6.11 2.22 -4.85
C LEU A 9 7.37 1.39 -4.58
N CYS A 10 7.31 0.07 -4.82
CA CYS A 10 8.44 -0.82 -4.61
C CYS A 10 9.50 -0.65 -5.70
N VAL A 11 9.28 0.26 -6.66
CA VAL A 11 10.23 0.48 -7.75
C VAL A 11 10.64 1.95 -7.84
N THR A 12 9.81 2.86 -7.32
CA THR A 12 10.07 4.30 -7.41
C THR A 12 10.71 4.85 -6.15
N SER A 13 10.59 4.15 -5.01
CA SER A 13 11.15 4.60 -3.74
C SER A 13 11.54 3.43 -2.84
N GLY A 14 10.93 2.27 -3.01
CA GLY A 14 11.22 1.08 -2.23
C GLY A 14 10.07 0.77 -1.26
N LEU A 15 10.20 -0.33 -0.50
CA LEU A 15 9.16 -0.78 0.40
C LEU A 15 8.81 0.26 1.46
N THR A 16 9.77 1.12 1.83
CA THR A 16 9.54 2.13 2.85
C THR A 16 8.43 3.09 2.41
N ALA A 17 8.32 3.37 1.11
CA ALA A 17 7.31 4.28 0.62
C ALA A 17 5.94 3.61 0.56
N CYS A 18 5.91 2.30 0.34
CA CYS A 18 4.64 1.57 0.33
C CYS A 18 4.18 1.31 1.76
N ARG A 19 5.11 1.19 2.69
CA ARG A 19 4.76 0.97 4.09
C ARG A 19 4.14 2.24 4.67
N ASN A 20 4.62 3.39 4.20
CA ASN A 20 4.06 4.67 4.60
C ASN A 20 2.70 4.90 3.92
N HIS A 21 2.51 4.33 2.73
CA HIS A 21 1.24 4.44 2.02
C HIS A 21 0.20 3.47 2.58
N CYS A 22 0.63 2.29 3.01
CA CYS A 22 -0.26 1.31 3.62
C CYS A 22 -0.64 1.69 5.05
N ARG A 23 0.25 2.39 5.78
CA ARG A 23 -0.05 2.82 7.15
C ARG A 23 -0.89 4.09 7.17
N SER A 24 -0.94 4.79 6.04
CA SER A 24 -1.84 5.93 5.85
C SER A 24 -3.06 5.46 5.07
N CYS A 25 -4.09 6.30 4.97
CA CYS A 25 -5.28 5.90 4.24
C CYS A 25 -5.07 6.04 2.74
N HIS A 26 -5.56 5.06 1.98
CA HIS A 26 -5.37 5.01 0.54
C HIS A 26 -6.59 4.36 -0.12
N ARG A 27 -6.65 4.42 -1.45
CA ARG A 27 -7.75 3.84 -2.19
C ARG A 27 -7.63 2.32 -2.21
N GLY A 28 -8.67 1.64 -1.71
CA GLY A 28 -8.75 0.19 -1.73
C GLY A 28 -9.43 -0.30 -3.00
N ASP A 29 -9.93 -1.54 -2.99
CA ASP A 29 -10.58 -2.13 -4.16
C ASP A 29 -12.07 -1.75 -4.24
N VAL A 30 -12.64 -1.27 -3.13
CA VAL A 30 -14.07 -0.92 -3.08
C VAL A 30 -14.31 0.39 -2.30
N GLY A 31 -13.29 0.88 -1.59
CA GLY A 31 -13.39 2.11 -0.81
C GLY A 31 -12.06 2.43 -0.15
N CYS A 32 -11.96 3.56 0.56
CA CYS A 32 -10.72 3.94 1.20
C CYS A 32 -10.51 3.21 2.52
N VAL A 33 -9.27 2.76 2.74
CA VAL A 33 -8.88 2.02 3.93
C VAL A 33 -7.43 2.31 4.30
N ARG A 34 -7.02 1.93 5.52
CA ARG A 34 -5.65 2.03 5.97
C ARG A 34 -5.28 0.71 6.65
N CYS A 35 -4.01 0.33 6.58
CA CYS A 35 -3.54 -0.97 7.07
C CYS A 35 -2.44 -0.80 8.11
N SER A 36 -1.78 -1.92 8.48
CA SER A 36 -0.79 -1.93 9.55
C SER A 36 0.65 -2.01 9.03
N ASN A 37 0.88 -2.76 7.94
CA ASN A 37 2.22 -2.96 7.39
C ASN A 37 2.12 -3.22 5.88
N ALA A 38 3.25 -3.53 5.23
CA ALA A 38 3.28 -3.77 3.80
C ALA A 38 4.44 -4.67 3.40
N GLN A 39 4.37 -5.21 2.18
CA GLN A 39 5.46 -5.97 1.57
C GLN A 39 5.38 -5.84 0.05
N CYS A 40 6.49 -6.11 -0.65
CA CYS A 40 6.51 -6.05 -2.10
C CYS A 40 6.17 -7.42 -2.69
N THR A 41 5.40 -7.43 -3.78
CA THR A 41 4.94 -8.66 -4.43
C THR A 41 5.18 -8.60 -5.93
N GLY A 42 4.83 -9.69 -6.63
CA GLY A 42 5.03 -9.81 -8.06
C GLY A 42 6.28 -10.65 -8.37
N PHE A 43 6.49 -10.95 -9.65
CA PHE A 43 7.59 -11.79 -10.09
C PHE A 43 8.94 -11.07 -9.99
N LEU A 44 8.93 -9.73 -9.92
CA LEU A 44 10.13 -8.92 -9.87
C LEU A 44 10.02 -7.83 -8.80
N GLY A 45 9.04 -7.92 -7.90
CA GLY A 45 8.84 -6.94 -6.85
C GLY A 45 8.28 -5.63 -7.39
N THR A 46 7.73 -5.65 -8.61
CA THR A 46 7.22 -4.46 -9.29
C THR A 46 5.83 -4.04 -8.77
N THR A 47 5.33 -4.73 -7.74
CA THR A 47 4.03 -4.47 -7.16
C THR A 47 4.15 -4.44 -5.64
N CYS A 48 3.17 -3.87 -4.94
CA CYS A 48 3.16 -3.85 -3.49
C CYS A 48 1.82 -4.33 -2.95
N THR A 49 1.81 -4.80 -1.70
CA THR A 49 0.63 -5.32 -1.03
C THR A 49 0.66 -4.91 0.44
N CYS A 50 -0.48 -4.47 0.98
CA CYS A 50 -0.59 -4.08 2.37
C CYS A 50 -0.92 -5.31 3.23
N ILE A 51 -0.64 -5.22 4.54
CA ILE A 51 -0.83 -6.31 5.48
C ILE A 51 -2.04 -6.03 6.38
N ASN A 52 -2.82 -7.07 6.65
CA ASN A 52 -4.03 -6.96 7.45
C ASN A 52 -3.69 -6.64 8.92
N PRO A 53 -4.62 -6.03 9.66
CA PRO A 53 -5.95 -5.61 9.23
C PRO A 53 -5.87 -4.35 8.37
N CYS A 54 -6.97 -4.04 7.67
CA CYS A 54 -7.08 -2.87 6.82
C CYS A 54 -8.45 -2.20 7.00
N PRO A 55 -8.71 -1.63 8.18
CA PRO A 55 -9.97 -0.94 8.48
C PRO A 55 -10.12 0.35 7.68
N ARG A 56 -11.34 0.89 7.65
CA ARG A 56 -11.63 2.13 6.95
C ARG A 56 -11.11 3.33 7.74
N CYS A 57 -11.08 4.51 7.10
CA CYS A 57 -10.58 5.73 7.71
C CYS A 57 -11.62 6.86 7.65
N ASN A 2 -8.46 12.53 0.61
CA ASN A 2 -7.73 12.12 1.79
C ASN A 2 -7.22 10.68 1.64
N CYS A 3 -7.51 10.04 0.51
CA CYS A 3 -7.10 8.67 0.23
C CYS A 3 -6.82 8.49 -1.27
N PRO A 4 -5.61 8.87 -1.71
CA PRO A 4 -5.16 8.75 -3.08
C PRO A 4 -4.82 7.30 -3.44
N THR A 5 -4.45 7.07 -4.70
CA THR A 5 -4.05 5.75 -5.18
C THR A 5 -2.59 5.82 -5.66
N ARG A 6 -1.77 4.83 -5.30
CA ARG A 6 -0.38 4.76 -5.72
C ARG A 6 0.00 3.32 -6.05
N ARG A 7 0.88 3.14 -7.02
CA ARG A 7 1.40 1.84 -7.46
C ARG A 7 2.88 1.99 -7.80
N GLY A 8 3.60 0.86 -7.86
CA GLY A 8 5.00 0.85 -8.24
C GLY A 8 5.91 1.46 -7.18
N LEU A 9 5.41 1.66 -5.95
CA LEU A 9 6.16 2.28 -4.87
C LEU A 9 7.45 1.50 -4.57
N CYS A 10 7.48 0.21 -4.87
CA CYS A 10 8.64 -0.64 -4.60
C CYS A 10 9.77 -0.40 -5.61
N VAL A 11 9.53 0.45 -6.62
CA VAL A 11 10.51 0.73 -7.66
C VAL A 11 10.82 2.22 -7.75
N THR A 12 9.88 3.08 -7.36
CA THR A 12 10.06 4.53 -7.46
C THR A 12 10.64 5.12 -6.19
N SER A 13 10.50 4.42 -5.06
CA SER A 13 10.99 4.88 -3.76
C SER A 13 11.49 3.74 -2.88
N GLY A 14 11.01 2.52 -3.13
CA GLY A 14 11.40 1.33 -2.38
C GLY A 14 10.31 0.89 -1.42
N LEU A 15 10.56 -0.22 -0.70
CA LEU A 15 9.60 -0.79 0.22
C LEU A 15 9.17 0.21 1.30
N THR A 16 10.03 1.16 1.64
CA THR A 16 9.73 2.15 2.67
C THR A 16 8.53 3.01 2.28
N ALA A 17 8.35 3.28 0.98
CA ALA A 17 7.23 4.08 0.53
C ALA A 17 5.95 3.24 0.45
N CYS A 18 6.10 1.94 0.18
CA CYS A 18 4.96 1.02 0.17
C CYS A 18 4.47 0.82 1.59
N ARG A 19 5.37 0.89 2.57
CA ARG A 19 5.04 0.70 3.97
C ARG A 19 4.41 1.97 4.55
N ASN A 20 4.81 3.14 4.04
CA ASN A 20 4.24 4.41 4.47
C ASN A 20 2.88 4.66 3.80
N HIS A 21 2.63 4.02 2.65
CA HIS A 21 1.36 4.18 1.94
C HIS A 21 0.29 3.27 2.54
N CYS A 22 0.69 2.09 3.02
CA CYS A 22 -0.24 1.18 3.69
C CYS A 22 -0.56 1.65 5.11
N ARG A 23 0.33 2.45 5.73
CA ARG A 23 0.12 2.96 7.07
C ARG A 23 -0.63 4.30 7.05
N SER A 24 -1.08 4.72 5.86
CA SER A 24 -1.90 5.90 5.69
C SER A 24 -3.15 5.51 4.91
N CYS A 25 -4.16 6.39 4.88
CA CYS A 25 -5.39 6.07 4.18
C CYS A 25 -5.15 6.13 2.67
N HIS A 26 -5.62 5.10 1.97
CA HIS A 26 -5.43 4.96 0.54
C HIS A 26 -6.69 4.32 -0.07
N ARG A 27 -6.76 4.31 -1.41
CA ARG A 27 -7.93 3.79 -2.11
C ARG A 27 -7.96 2.27 -2.08
N GLY A 28 -9.15 1.70 -1.88
CA GLY A 28 -9.37 0.26 -1.86
C GLY A 28 -10.25 -0.18 -3.03
N ASP A 29 -10.73 -1.42 -2.97
CA ASP A 29 -11.53 -2.01 -4.05
C ASP A 29 -13.02 -1.66 -3.92
N VAL A 30 -13.44 -1.23 -2.73
CA VAL A 30 -14.84 -0.89 -2.45
C VAL A 30 -14.96 0.44 -1.71
N GLY A 31 -13.86 0.98 -1.21
CA GLY A 31 -13.84 2.23 -0.47
C GLY A 31 -12.43 2.51 0.05
N CYS A 32 -12.23 3.63 0.73
CA CYS A 32 -10.92 3.97 1.27
C CYS A 32 -10.65 3.24 2.58
N VAL A 33 -9.40 2.81 2.76
CA VAL A 33 -8.97 2.03 3.91
C VAL A 33 -7.54 2.38 4.31
N ARG A 34 -7.12 1.90 5.49
CA ARG A 34 -5.77 2.05 6.01
C ARG A 34 -5.37 0.74 6.66
N CYS A 35 -4.08 0.40 6.67
CA CYS A 35 -3.60 -0.88 7.17
C CYS A 35 -2.50 -0.71 8.20
N SER A 36 -1.89 -1.82 8.64
CA SER A 36 -0.91 -1.84 9.71
C SER A 36 0.53 -2.03 9.22
N ASN A 37 0.73 -2.73 8.11
CA ASN A 37 2.07 -2.99 7.59
C ASN A 37 2.00 -3.25 6.08
N ALA A 38 3.13 -3.55 5.44
CA ALA A 38 3.18 -3.78 4.00
C ALA A 38 4.32 -4.71 3.59
N GLN A 39 4.30 -5.12 2.33
CA GLN A 39 5.34 -5.90 1.71
C GLN A 39 5.37 -5.61 0.20
N CYS A 40 6.45 -6.02 -0.48
CA CYS A 40 6.59 -5.81 -1.91
C CYS A 40 6.38 -7.13 -2.64
N THR A 41 5.68 -7.08 -3.78
CA THR A 41 5.29 -8.25 -4.55
C THR A 41 5.50 -8.02 -6.03
N GLY A 42 5.01 -8.95 -6.86
CA GLY A 42 5.13 -8.89 -8.31
C GLY A 42 6.21 -9.83 -8.82
N PHE A 43 6.32 -9.95 -10.14
CA PHE A 43 7.28 -10.85 -10.78
C PHE A 43 8.72 -10.36 -10.60
N LEU A 44 8.91 -9.08 -10.31
CA LEU A 44 10.23 -8.49 -10.18
C LEU A 44 10.27 -7.41 -9.10
N GLY A 45 9.35 -7.47 -8.13
CA GLY A 45 9.28 -6.49 -7.06
C GLY A 45 8.69 -5.17 -7.55
N THR A 46 7.77 -5.24 -8.53
CA THR A 46 7.19 -4.05 -9.15
C THR A 46 5.80 -3.72 -8.62
N THR A 47 5.39 -4.36 -7.51
CA THR A 47 4.06 -4.16 -6.95
C THR A 47 4.15 -3.94 -5.44
N CYS A 48 3.16 -3.24 -4.89
CA CYS A 48 3.05 -2.97 -3.46
C CYS A 48 1.79 -3.62 -2.91
N THR A 49 1.89 -4.21 -1.71
CA THR A 49 0.78 -4.89 -1.07
C THR A 49 0.77 -4.58 0.43
N CYS A 50 -0.44 -4.46 1.01
CA CYS A 50 -0.59 -4.14 2.42
C CYS A 50 -0.90 -5.37 3.25
N ILE A 51 -0.75 -5.24 4.58
CA ILE A 51 -0.95 -6.33 5.52
C ILE A 51 -2.16 -6.05 6.41
N ASN A 52 -2.90 -7.11 6.77
CA ASN A 52 -4.10 -6.99 7.59
C ASN A 52 -3.73 -6.67 9.04
N PRO A 53 -4.64 -6.06 9.82
CA PRO A 53 -5.96 -5.61 9.40
C PRO A 53 -5.88 -4.36 8.53
N CYS A 54 -6.97 -4.07 7.81
CA CYS A 54 -7.08 -2.90 6.95
C CYS A 54 -8.45 -2.25 7.13
N PRO A 55 -8.70 -1.62 8.30
CA PRO A 55 -9.95 -0.94 8.60
C PRO A 55 -10.19 0.24 7.67
N ARG A 56 -11.44 0.71 7.62
CA ARG A 56 -11.85 1.80 6.74
C ARG A 56 -11.36 3.15 7.26
N CYS A 57 -11.33 4.15 6.36
CA CYS A 57 -10.91 5.50 6.66
C CYS A 57 -11.71 6.50 5.83
N ASN A 2 -8.41 12.74 0.60
CA ASN A 2 -7.70 12.39 1.82
C ASN A 2 -7.20 10.95 1.77
N CYS A 3 -7.45 10.26 0.65
CA CYS A 3 -7.03 8.87 0.45
C CYS A 3 -6.77 8.62 -1.04
N PRO A 4 -5.59 9.03 -1.53
CA PRO A 4 -5.20 8.89 -2.93
C PRO A 4 -4.89 7.44 -3.29
N THR A 5 -4.63 7.19 -4.58
CA THR A 5 -4.25 5.88 -5.08
C THR A 5 -2.81 5.94 -5.59
N ARG A 6 -1.99 4.93 -5.25
CA ARG A 6 -0.61 4.86 -5.70
C ARG A 6 -0.21 3.42 -6.00
N ARG A 7 0.68 3.26 -6.98
CA ARG A 7 1.21 1.96 -7.41
C ARG A 7 2.68 2.10 -7.77
N GLY A 8 3.40 0.97 -7.88
CA GLY A 8 4.79 0.96 -8.27
C GLY A 8 5.72 1.54 -7.20
N LEU A 9 5.26 1.64 -5.95
CA LEU A 9 6.04 2.22 -4.87
C LEU A 9 7.33 1.42 -4.65
N CYS A 10 7.31 0.12 -4.94
CA CYS A 10 8.47 -0.75 -4.78
C CYS A 10 9.45 -0.64 -5.96
N VAL A 11 9.20 0.29 -6.89
CA VAL A 11 10.03 0.45 -8.09
C VAL A 11 10.61 1.86 -8.20
N THR A 12 10.07 2.83 -7.45
CA THR A 12 10.51 4.22 -7.55
C THR A 12 10.98 4.77 -6.21
N SER A 13 10.60 4.14 -5.10
CA SER A 13 10.96 4.58 -3.77
C SER A 13 11.35 3.44 -2.84
N GLY A 14 10.95 2.20 -3.19
CA GLY A 14 11.28 1.01 -2.42
C GLY A 14 10.20 0.68 -1.40
N LEU A 15 10.43 -0.37 -0.61
CA LEU A 15 9.47 -0.85 0.37
C LEU A 15 9.10 0.22 1.39
N THR A 16 10.00 1.18 1.64
CA THR A 16 9.75 2.22 2.63
C THR A 16 8.54 3.07 2.23
N ALA A 17 8.30 3.29 0.94
CA ALA A 17 7.17 4.09 0.50
C ALA A 17 5.90 3.23 0.45
N CYS A 18 6.06 1.92 0.21
CA CYS A 18 4.93 1.01 0.22
C CYS A 18 4.42 0.83 1.65
N ARG A 19 5.33 0.92 2.63
CA ARG A 19 4.99 0.78 4.03
C ARG A 19 4.37 2.06 4.58
N ASN A 20 4.80 3.21 4.07
CA ASN A 20 4.26 4.49 4.47
C ASN A 20 2.90 4.75 3.81
N HIS A 21 2.62 4.10 2.68
CA HIS A 21 1.35 4.26 1.98
C HIS A 21 0.28 3.36 2.56
N CYS A 22 0.67 2.17 3.05
CA CYS A 22 -0.27 1.27 3.71
C CYS A 22 -0.57 1.71 5.13
N ARG A 23 0.32 2.50 5.75
CA ARG A 23 0.11 3.02 7.10
C ARG A 23 -0.63 4.35 7.10
N SER A 24 -1.09 4.79 5.92
CA SER A 24 -1.91 5.97 5.76
C SER A 24 -3.14 5.59 4.96
N CYS A 25 -4.17 6.44 4.96
CA CYS A 25 -5.40 6.13 4.25
C CYS A 25 -5.16 6.22 2.74
N HIS A 26 -5.59 5.19 2.00
CA HIS A 26 -5.43 5.10 0.57
C HIS A 26 -6.66 4.44 -0.04
N ARG A 27 -6.81 4.51 -1.36
CA ARG A 27 -7.97 3.95 -2.03
C ARG A 27 -7.82 2.43 -2.14
N GLY A 28 -8.80 1.69 -1.61
CA GLY A 28 -8.85 0.23 -1.68
C GLY A 28 -9.59 -0.23 -2.93
N ASP A 29 -10.06 -1.47 -2.92
CA ASP A 29 -10.74 -2.06 -4.06
C ASP A 29 -12.24 -1.74 -4.09
N VAL A 30 -12.78 -1.26 -2.96
CA VAL A 30 -14.20 -0.94 -2.84
C VAL A 30 -14.44 0.39 -2.12
N GLY A 31 -13.40 0.94 -1.50
CA GLY A 31 -13.47 2.20 -0.76
C GLY A 31 -12.13 2.49 -0.12
N CYS A 32 -11.98 3.64 0.53
CA CYS A 32 -10.72 4.00 1.16
C CYS A 32 -10.51 3.22 2.46
N VAL A 33 -9.26 2.78 2.68
CA VAL A 33 -8.88 1.99 3.84
C VAL A 33 -7.46 2.36 4.29
N ARG A 34 -7.09 1.86 5.47
CA ARG A 34 -5.75 2.00 6.04
C ARG A 34 -5.35 0.67 6.66
N CYS A 35 -4.06 0.35 6.71
CA CYS A 35 -3.59 -0.95 7.17
C CYS A 35 -2.49 -0.82 8.22
N SER A 36 -1.87 -1.94 8.60
CA SER A 36 -0.90 -2.00 9.68
C SER A 36 0.55 -2.08 9.16
N ASN A 37 0.77 -2.77 8.06
CA ASN A 37 2.11 -2.98 7.52
C ASN A 37 2.02 -3.22 6.00
N ALA A 38 3.15 -3.51 5.35
CA ALA A 38 3.19 -3.73 3.91
C ALA A 38 4.36 -4.62 3.50
N GLN A 39 4.32 -5.05 2.24
CA GLN A 39 5.40 -5.79 1.61
C GLN A 39 5.34 -5.60 0.09
N CYS A 40 6.44 -5.94 -0.60
CA CYS A 40 6.48 -5.86 -2.06
C CYS A 40 6.13 -7.23 -2.64
N THR A 41 5.39 -7.24 -3.75
CA THR A 41 4.88 -8.46 -4.37
C THR A 41 5.04 -8.41 -5.88
N GLY A 42 4.58 -9.45 -6.57
CA GLY A 42 4.66 -9.54 -8.02
C GLY A 42 6.06 -9.89 -8.49
N PHE A 43 6.25 -9.94 -9.81
CA PHE A 43 7.55 -10.26 -10.38
C PHE A 43 8.57 -9.20 -9.97
N LEU A 44 9.76 -9.67 -9.55
CA LEU A 44 10.84 -8.81 -9.07
C LEU A 44 10.39 -7.82 -8.00
N GLY A 45 9.26 -8.08 -7.32
CA GLY A 45 8.77 -7.20 -6.26
C GLY A 45 8.28 -5.86 -6.79
N THR A 46 7.91 -5.79 -8.08
CA THR A 46 7.53 -4.54 -8.73
C THR A 46 6.13 -4.06 -8.34
N THR A 47 5.48 -4.69 -7.36
CA THR A 47 4.14 -4.31 -6.90
C THR A 47 4.15 -4.08 -5.40
N CYS A 48 3.19 -3.28 -4.90
CA CYS A 48 3.05 -2.98 -3.48
C CYS A 48 1.77 -3.59 -2.93
N THR A 49 1.83 -4.17 -1.74
CA THR A 49 0.68 -4.80 -1.09
C THR A 49 0.69 -4.51 0.40
N CYS A 50 -0.50 -4.37 1.01
CA CYS A 50 -0.64 -4.06 2.41
C CYS A 50 -0.92 -5.32 3.23
N ILE A 51 -0.74 -5.21 4.56
CA ILE A 51 -0.91 -6.32 5.48
C ILE A 51 -2.11 -6.06 6.39
N ASN A 52 -2.86 -7.11 6.72
CA ASN A 52 -4.05 -7.00 7.55
C ASN A 52 -3.68 -6.69 9.00
N PRO A 53 -4.60 -6.09 9.78
CA PRO A 53 -5.92 -5.67 9.35
C PRO A 53 -5.86 -4.42 8.48
N CYS A 54 -6.95 -4.15 7.75
CA CYS A 54 -7.07 -2.99 6.88
C CYS A 54 -8.46 -2.35 7.07
N PRO A 55 -8.71 -1.73 8.23
CA PRO A 55 -9.97 -1.06 8.52
C PRO A 55 -10.19 0.12 7.58
N ARG A 56 -11.44 0.58 7.48
CA ARG A 56 -11.81 1.66 6.58
C ARG A 56 -11.40 3.02 7.13
N CYS A 57 -11.34 4.02 6.24
CA CYS A 57 -10.97 5.38 6.59
C CYS A 57 -11.76 6.38 5.76
N ASN A 2 -7.60 12.73 3.37
CA ASN A 2 -7.57 12.33 1.98
C ASN A 2 -7.12 10.87 1.85
N CYS A 3 -7.48 10.22 0.74
CA CYS A 3 -7.10 8.84 0.46
C CYS A 3 -6.88 8.65 -1.04
N PRO A 4 -5.68 9.01 -1.53
CA PRO A 4 -5.29 8.87 -2.92
C PRO A 4 -4.97 7.41 -3.27
N THR A 5 -4.63 7.18 -4.53
CA THR A 5 -4.24 5.86 -5.02
C THR A 5 -2.80 5.92 -5.53
N ARG A 6 -1.97 4.94 -5.14
CA ARG A 6 -0.59 4.86 -5.59
C ARG A 6 -0.19 3.41 -5.80
N ARG A 7 0.62 3.16 -6.84
CA ARG A 7 1.11 1.82 -7.21
C ARG A 7 2.55 1.93 -7.69
N GLY A 8 3.24 0.80 -7.77
CA GLY A 8 4.62 0.76 -8.26
C GLY A 8 5.61 1.37 -7.27
N LEU A 9 5.21 1.49 -6.00
CA LEU A 9 6.02 2.12 -4.97
C LEU A 9 7.32 1.36 -4.70
N CYS A 10 7.42 0.10 -5.17
CA CYS A 10 8.60 -0.72 -4.96
C CYS A 10 9.56 -0.67 -6.17
N VAL A 11 9.18 0.03 -7.24
CA VAL A 11 9.97 0.07 -8.46
C VAL A 11 11.12 1.08 -8.34
N THR A 12 10.95 2.13 -7.53
CA THR A 12 11.99 3.15 -7.38
C THR A 12 11.94 3.87 -6.04
N SER A 13 10.76 3.94 -5.40
CA SER A 13 10.61 4.60 -4.12
C SER A 13 10.98 3.68 -2.96
N GLY A 14 10.97 2.38 -3.20
CA GLY A 14 11.41 1.37 -2.26
C GLY A 14 10.27 0.90 -1.35
N LEU A 15 10.53 -0.17 -0.58
CA LEU A 15 9.54 -0.76 0.31
C LEU A 15 9.08 0.25 1.37
N THR A 16 9.94 1.20 1.73
CA THR A 16 9.59 2.22 2.73
C THR A 16 8.42 3.07 2.26
N ALA A 17 8.28 3.29 0.95
CA ALA A 17 7.19 4.08 0.42
C ALA A 17 5.90 3.26 0.36
N CYS A 18 6.04 1.94 0.16
CA CYS A 18 4.90 1.04 0.15
C CYS A 18 4.40 0.84 1.58
N ARG A 19 5.30 0.90 2.57
CA ARG A 19 4.95 0.73 3.96
C ARG A 19 4.30 1.98 4.53
N ASN A 20 4.66 3.14 3.98
CA ASN A 20 4.06 4.41 4.38
C ASN A 20 2.69 4.59 3.72
N HIS A 21 2.50 4.04 2.51
CA HIS A 21 1.23 4.17 1.81
C HIS A 21 0.17 3.25 2.39
N CYS A 22 0.59 2.08 2.90
CA CYS A 22 -0.32 1.14 3.53
C CYS A 22 -0.69 1.58 4.94
N ARG A 23 0.18 2.33 5.63
CA ARG A 23 -0.09 2.81 6.98
C ARG A 23 -0.88 4.12 6.96
N SER A 24 -0.84 4.85 5.84
CA SER A 24 -1.67 6.02 5.64
C SER A 24 -2.94 5.60 4.90
N CYS A 25 -3.95 6.47 4.88
CA CYS A 25 -5.20 6.12 4.23
C CYS A 25 -5.06 6.19 2.71
N HIS A 26 -5.61 5.19 2.03
CA HIS A 26 -5.49 5.06 0.58
C HIS A 26 -6.77 4.47 0.01
N ARG A 27 -6.91 4.47 -1.31
CA ARG A 27 -8.10 3.98 -1.98
C ARG A 27 -8.15 2.46 -1.97
N GLY A 28 -9.35 1.90 -1.76
CA GLY A 28 -9.58 0.46 -1.77
C GLY A 28 -10.50 0.07 -2.94
N ASP A 29 -10.95 -1.17 -2.95
CA ASP A 29 -11.79 -1.69 -4.02
C ASP A 29 -13.27 -1.36 -3.82
N VAL A 30 -13.65 -0.95 -2.61
CA VAL A 30 -15.03 -0.62 -2.27
C VAL A 30 -15.12 0.75 -1.58
N GLY A 31 -14.01 1.23 -1.04
CA GLY A 31 -13.94 2.51 -0.35
C GLY A 31 -12.54 2.71 0.23
N CYS A 32 -12.30 3.87 0.85
CA CYS A 32 -10.99 4.16 1.42
C CYS A 32 -10.75 3.39 2.71
N VAL A 33 -9.50 2.97 2.92
CA VAL A 33 -9.07 2.17 4.06
C VAL A 33 -7.62 2.50 4.43
N ARG A 34 -7.16 1.97 5.55
CA ARG A 34 -5.76 2.05 5.97
C ARG A 34 -5.38 0.73 6.62
N CYS A 35 -4.11 0.35 6.57
CA CYS A 35 -3.65 -0.95 7.06
C CYS A 35 -2.55 -0.78 8.12
N SER A 36 -1.99 -1.91 8.57
CA SER A 36 -1.02 -1.95 9.66
C SER A 36 0.42 -2.14 9.19
N ASN A 37 0.64 -2.82 8.07
CA ASN A 37 1.99 -3.08 7.57
C ASN A 37 1.93 -3.32 6.06
N ALA A 38 3.08 -3.62 5.43
CA ALA A 38 3.17 -3.82 3.99
C ALA A 38 4.33 -4.74 3.61
N GLN A 39 4.35 -5.14 2.34
CA GLN A 39 5.43 -5.91 1.74
C GLN A 39 5.49 -5.61 0.25
N CYS A 40 6.58 -5.99 -0.41
CA CYS A 40 6.72 -5.81 -1.84
C CYS A 40 6.62 -7.16 -2.54
N THR A 41 5.96 -7.17 -3.71
CA THR A 41 5.73 -8.37 -4.49
C THR A 41 6.12 -8.14 -5.96
N GLY A 42 5.95 -9.17 -6.79
CA GLY A 42 6.32 -9.11 -8.20
C GLY A 42 7.79 -9.49 -8.41
N PHE A 43 8.18 -9.70 -9.67
CA PHE A 43 9.53 -10.11 -10.01
C PHE A 43 10.53 -9.00 -9.67
N LEU A 44 11.61 -9.37 -8.98
CA LEU A 44 12.63 -8.45 -8.49
C LEU A 44 12.04 -7.31 -7.65
N GLY A 45 10.78 -7.45 -7.23
CA GLY A 45 10.06 -6.44 -6.45
C GLY A 45 9.69 -5.24 -7.31
N THR A 46 8.42 -5.16 -7.72
CA THR A 46 7.91 -4.08 -8.56
C THR A 46 6.47 -3.73 -8.20
N THR A 47 5.92 -4.36 -7.16
CA THR A 47 4.52 -4.18 -6.77
C THR A 47 4.41 -3.97 -5.27
N CYS A 48 3.38 -3.25 -4.82
CA CYS A 48 3.14 -2.97 -3.42
C CYS A 48 1.91 -3.72 -2.92
N THR A 49 1.99 -4.30 -1.72
CA THR A 49 0.89 -5.02 -1.11
C THR A 49 0.83 -4.69 0.38
N CYS A 50 -0.39 -4.55 0.92
CA CYS A 50 -0.59 -4.20 2.31
C CYS A 50 -0.92 -5.44 3.16
N ILE A 51 -0.79 -5.31 4.49
CA ILE A 51 -1.01 -6.40 5.43
C ILE A 51 -2.22 -6.09 6.31
N ASN A 52 -2.99 -7.14 6.65
CA ASN A 52 -4.18 -7.00 7.46
C ASN A 52 -3.83 -6.74 8.94
N PRO A 53 -4.74 -6.15 9.72
CA PRO A 53 -6.05 -5.66 9.30
C PRO A 53 -5.93 -4.39 8.47
N CYS A 54 -7.02 -4.05 7.77
CA CYS A 54 -7.12 -2.86 6.96
C CYS A 54 -8.48 -2.17 7.22
N PRO A 55 -8.65 -1.57 8.41
CA PRO A 55 -9.88 -0.89 8.80
C PRO A 55 -10.16 0.34 7.94
N ARG A 56 -11.38 0.87 8.06
CA ARG A 56 -11.83 2.02 7.28
C ARG A 56 -11.11 3.31 7.72
N CYS A 57 -11.19 4.32 6.86
CA CYS A 57 -10.66 5.65 7.13
C CYS A 57 -11.47 6.69 6.35
N ASN A 2 -8.23 12.36 0.16
CA ASN A 2 -7.59 11.91 1.39
C ASN A 2 -7.10 10.47 1.26
N CYS A 3 -7.31 9.87 0.09
CA CYS A 3 -6.92 8.50 -0.20
C CYS A 3 -6.66 8.30 -1.69
N PRO A 4 -5.43 8.59 -2.13
CA PRO A 4 -4.99 8.39 -3.51
C PRO A 4 -4.72 6.91 -3.78
N THR A 5 -4.29 6.60 -5.00
CA THR A 5 -3.99 5.22 -5.40
C THR A 5 -2.57 5.13 -5.95
N ARG A 6 -1.75 4.27 -5.34
CA ARG A 6 -0.37 4.01 -5.77
C ARG A 6 -0.03 2.54 -5.55
N ARG A 7 0.67 1.92 -6.49
CA ARG A 7 1.07 0.51 -6.38
C ARG A 7 2.52 0.30 -6.84
N GLY A 8 3.11 1.30 -7.50
CA GLY A 8 4.47 1.22 -8.03
C GLY A 8 5.53 1.74 -7.05
N LEU A 9 5.14 1.96 -5.79
CA LEU A 9 6.01 2.55 -4.79
C LEU A 9 7.28 1.75 -4.56
N CYS A 10 7.27 0.44 -4.84
CA CYS A 10 8.42 -0.42 -4.60
C CYS A 10 9.40 -0.41 -5.78
N VAL A 11 9.19 0.50 -6.75
CA VAL A 11 10.04 0.62 -7.93
C VAL A 11 10.67 2.01 -8.03
N THR A 12 10.12 3.00 -7.31
CA THR A 12 10.59 4.38 -7.37
C THR A 12 11.07 4.89 -6.02
N SER A 13 10.68 4.23 -4.93
CA SER A 13 11.06 4.64 -3.59
C SER A 13 11.40 3.46 -2.67
N GLY A 14 10.95 2.26 -3.03
CA GLY A 14 11.24 1.03 -2.30
C GLY A 14 10.14 0.70 -1.29
N LEU A 15 10.39 -0.33 -0.48
CA LEU A 15 9.42 -0.84 0.49
C LEU A 15 9.06 0.22 1.54
N THR A 16 9.97 1.17 1.82
CA THR A 16 9.71 2.19 2.83
C THR A 16 8.53 3.06 2.43
N ALA A 17 8.36 3.35 1.13
CA ALA A 17 7.25 4.17 0.68
C ALA A 17 5.99 3.34 0.57
N CYS A 18 6.12 2.05 0.26
CA CYS A 18 4.99 1.14 0.19
C CYS A 18 4.42 0.92 1.59
N ARG A 19 5.28 0.98 2.62
CA ARG A 19 4.85 0.82 4.00
C ARG A 19 4.23 2.11 4.52
N ASN A 20 4.75 3.26 4.09
CA ASN A 20 4.20 4.55 4.49
C ASN A 20 2.88 4.82 3.79
N HIS A 21 2.59 4.12 2.68
CA HIS A 21 1.34 4.25 1.97
C HIS A 21 0.28 3.33 2.58
N CYS A 22 0.70 2.16 3.08
CA CYS A 22 -0.20 1.22 3.72
C CYS A 22 -0.53 1.65 5.15
N ARG A 23 0.37 2.40 5.80
CA ARG A 23 0.15 2.90 7.16
C ARG A 23 -0.60 4.23 7.14
N SER A 24 -1.08 4.64 5.96
CA SER A 24 -1.87 5.84 5.77
C SER A 24 -3.09 5.47 4.93
N CYS A 25 -4.09 6.36 4.86
CA CYS A 25 -5.31 6.05 4.14
C CYS A 25 -5.07 6.07 2.64
N HIS A 26 -5.57 5.05 1.94
CA HIS A 26 -5.39 4.88 0.50
C HIS A 26 -6.64 4.23 -0.09
N ARG A 27 -6.71 4.17 -1.42
CA ARG A 27 -7.88 3.63 -2.10
C ARG A 27 -7.92 2.12 -1.99
N GLY A 28 -9.13 1.57 -1.80
CA GLY A 28 -9.38 0.14 -1.72
C GLY A 28 -10.27 -0.33 -2.85
N ASP A 29 -10.77 -1.57 -2.76
CA ASP A 29 -11.59 -2.17 -3.81
C ASP A 29 -13.07 -1.83 -3.65
N VAL A 30 -13.47 -1.36 -2.47
CA VAL A 30 -14.87 -1.02 -2.19
C VAL A 30 -14.98 0.38 -1.57
N GLY A 31 -13.86 0.91 -1.07
CA GLY A 31 -13.82 2.22 -0.42
C GLY A 31 -12.40 2.48 0.08
N CYS A 32 -12.17 3.64 0.71
CA CYS A 32 -10.84 3.96 1.21
C CYS A 32 -10.59 3.27 2.55
N VAL A 33 -9.35 2.82 2.73
CA VAL A 33 -8.94 2.05 3.91
C VAL A 33 -7.51 2.39 4.30
N ARG A 34 -7.10 1.93 5.48
CA ARG A 34 -5.74 2.06 6.00
C ARG A 34 -5.34 0.74 6.66
N CYS A 35 -4.05 0.41 6.67
CA CYS A 35 -3.56 -0.87 7.16
C CYS A 35 -2.43 -0.68 8.17
N SER A 36 -1.79 -1.78 8.58
CA SER A 36 -0.78 -1.76 9.62
C SER A 36 0.65 -1.96 9.10
N ASN A 37 0.83 -2.69 8.01
CA ASN A 37 2.16 -2.99 7.48
C ASN A 37 2.08 -3.24 5.98
N ALA A 38 3.21 -3.55 5.33
CA ALA A 38 3.25 -3.75 3.90
C ALA A 38 4.38 -4.69 3.48
N GLN A 39 4.32 -5.12 2.21
CA GLN A 39 5.35 -5.91 1.56
C GLN A 39 5.27 -5.66 0.05
N CYS A 40 6.28 -6.09 -0.71
CA CYS A 40 6.25 -5.95 -2.16
C CYS A 40 5.96 -7.31 -2.81
N THR A 41 5.25 -7.28 -3.93
CA THR A 41 4.79 -8.47 -4.62
C THR A 41 5.08 -8.38 -6.12
N GLY A 42 4.70 -9.43 -6.86
CA GLY A 42 4.94 -9.52 -8.30
C GLY A 42 6.14 -10.42 -8.60
N PHE A 43 6.40 -10.64 -9.88
CA PHE A 43 7.48 -11.51 -10.32
C PHE A 43 8.86 -10.93 -10.01
N LEU A 44 8.94 -9.62 -9.75
CA LEU A 44 10.19 -8.94 -9.47
C LEU A 44 10.07 -7.99 -8.28
N GLY A 45 8.99 -8.09 -7.50
CA GLY A 45 8.77 -7.23 -6.34
C GLY A 45 8.39 -5.81 -6.76
N THR A 46 7.96 -5.62 -8.01
CA THR A 46 7.67 -4.32 -8.58
C THR A 46 6.27 -3.81 -8.23
N THR A 47 5.57 -4.49 -7.32
CA THR A 47 4.23 -4.08 -6.90
C THR A 47 4.18 -3.93 -5.38
N CYS A 48 3.31 -3.05 -4.89
CA CYS A 48 3.13 -2.82 -3.47
C CYS A 48 1.85 -3.50 -2.98
N THR A 49 1.89 -4.08 -1.78
CA THR A 49 0.72 -4.72 -1.16
C THR A 49 0.74 -4.46 0.34
N CYS A 50 -0.46 -4.36 0.94
CA CYS A 50 -0.58 -4.06 2.36
C CYS A 50 -0.88 -5.32 3.18
N ILE A 51 -0.69 -5.22 4.50
CA ILE A 51 -0.88 -6.33 5.43
C ILE A 51 -2.09 -6.05 6.32
N ASN A 52 -2.84 -7.10 6.67
CA ASN A 52 -4.03 -6.98 7.49
C ASN A 52 -3.65 -6.68 8.95
N PRO A 53 -4.57 -6.07 9.72
CA PRO A 53 -5.89 -5.63 9.31
C PRO A 53 -5.82 -4.37 8.44
N CYS A 54 -6.93 -4.05 7.77
CA CYS A 54 -7.05 -2.87 6.93
C CYS A 54 -8.41 -2.21 7.15
N PRO A 55 -8.64 -1.59 8.32
CA PRO A 55 -9.88 -0.91 8.63
C PRO A 55 -10.14 0.28 7.71
N ARG A 56 -11.38 0.76 7.68
CA ARG A 56 -11.78 1.85 6.79
C ARG A 56 -11.29 3.20 7.29
N CYS A 57 -11.27 4.18 6.39
CA CYS A 57 -10.84 5.54 6.68
C CYS A 57 -11.66 6.53 5.85
N ASN A 2 -7.58 12.77 3.54
CA ASN A 2 -7.52 12.36 2.14
C ASN A 2 -7.05 10.90 2.05
N CYS A 3 -7.37 10.25 0.92
CA CYS A 3 -7.00 8.87 0.68
C CYS A 3 -6.78 8.63 -0.82
N PRO A 4 -5.62 9.05 -1.35
CA PRO A 4 -5.27 8.93 -2.76
C PRO A 4 -4.91 7.49 -3.12
N THR A 5 -4.68 7.24 -4.41
CA THR A 5 -4.28 5.93 -4.92
C THR A 5 -2.83 6.00 -5.40
N ARG A 6 -2.01 5.00 -5.04
CA ARG A 6 -0.63 4.91 -5.50
C ARG A 6 -0.25 3.45 -5.72
N ARG A 7 0.55 3.19 -6.76
CA ARG A 7 1.01 1.86 -7.14
C ARG A 7 2.46 1.92 -7.62
N GLY A 8 3.13 0.78 -7.69
CA GLY A 8 4.51 0.71 -8.17
C GLY A 8 5.50 1.33 -7.20
N LEU A 9 5.11 1.52 -5.93
CA LEU A 9 5.94 2.16 -4.93
C LEU A 9 7.25 1.38 -4.71
N CYS A 10 7.23 0.07 -4.96
CA CYS A 10 8.41 -0.78 -4.80
C CYS A 10 9.37 -0.66 -5.97
N VAL A 11 9.10 0.22 -6.93
CA VAL A 11 9.93 0.39 -8.12
C VAL A 11 10.48 1.81 -8.24
N THR A 12 9.93 2.76 -7.47
CA THR A 12 10.34 4.16 -7.57
C THR A 12 10.86 4.70 -6.24
N SER A 13 10.51 4.04 -5.13
CA SER A 13 10.93 4.46 -3.80
C SER A 13 11.30 3.29 -2.89
N GLY A 14 10.84 2.09 -3.22
CA GLY A 14 11.15 0.88 -2.47
C GLY A 14 10.08 0.58 -1.42
N LEU A 15 10.33 -0.44 -0.60
CA LEU A 15 9.39 -0.90 0.41
C LEU A 15 9.03 0.20 1.41
N THR A 16 9.93 1.16 1.63
CA THR A 16 9.70 2.23 2.60
C THR A 16 8.48 3.06 2.21
N ALA A 17 8.26 3.28 0.90
CA ALA A 17 7.13 4.06 0.46
C ALA A 17 5.87 3.21 0.39
N CYS A 18 6.02 1.91 0.11
CA CYS A 18 4.90 0.98 0.09
C CYS A 18 4.36 0.81 1.51
N ARG A 19 5.23 0.92 2.51
CA ARG A 19 4.83 0.80 3.92
C ARG A 19 4.23 2.10 4.42
N ASN A 20 4.77 3.24 3.97
CA ASN A 20 4.26 4.53 4.36
C ASN A 20 2.92 4.84 3.69
N HIS A 21 2.60 4.13 2.60
CA HIS A 21 1.31 4.30 1.92
C HIS A 21 0.25 3.39 2.55
N CYS A 22 0.65 2.18 2.98
CA CYS A 22 -0.27 1.26 3.63
C CYS A 22 -0.57 1.69 5.07
N ARG A 23 0.36 2.38 5.73
CA ARG A 23 0.16 2.86 7.10
C ARG A 23 -0.59 4.18 7.14
N SER A 24 -1.01 4.67 5.98
CA SER A 24 -1.81 5.88 5.84
C SER A 24 -3.06 5.53 5.03
N CYS A 25 -4.08 6.39 5.08
CA CYS A 25 -5.31 6.10 4.38
C CYS A 25 -5.10 6.21 2.87
N HIS A 26 -5.58 5.21 2.13
CA HIS A 26 -5.45 5.15 0.67
C HIS A 26 -6.69 4.51 0.09
N ARG A 27 -6.87 4.61 -1.23
CA ARG A 27 -8.05 4.07 -1.89
C ARG A 27 -7.94 2.54 -2.01
N GLY A 28 -8.95 1.83 -1.50
CA GLY A 28 -9.03 0.38 -1.57
C GLY A 28 -9.76 -0.07 -2.85
N ASP A 29 -10.29 -1.29 -2.83
CA ASP A 29 -10.97 -1.86 -3.98
C ASP A 29 -12.44 -1.44 -4.04
N VAL A 30 -13.01 -1.02 -2.92
CA VAL A 30 -14.42 -0.63 -2.85
C VAL A 30 -14.61 0.68 -2.09
N GLY A 31 -13.56 1.15 -1.40
CA GLY A 31 -13.59 2.39 -0.63
C GLY A 31 -12.24 2.63 0.03
N CYS A 32 -12.06 3.76 0.71
CA CYS A 32 -10.78 4.07 1.32
C CYS A 32 -10.56 3.25 2.59
N VAL A 33 -9.30 2.82 2.77
CA VAL A 33 -8.89 1.99 3.89
C VAL A 33 -7.50 2.39 4.37
N ARG A 34 -7.12 1.87 5.55
CA ARG A 34 -5.80 2.06 6.15
C ARG A 34 -5.37 0.72 6.75
N CYS A 35 -4.08 0.40 6.70
CA CYS A 35 -3.58 -0.90 7.14
C CYS A 35 -2.48 -0.75 8.19
N SER A 36 -1.85 -1.87 8.57
CA SER A 36 -0.85 -1.89 9.63
C SER A 36 0.59 -1.99 9.11
N ASN A 37 0.80 -2.72 8.02
CA ASN A 37 2.14 -2.94 7.48
C ASN A 37 2.05 -3.19 5.97
N ALA A 38 3.18 -3.48 5.32
CA ALA A 38 3.23 -3.71 3.88
C ALA A 38 4.40 -4.60 3.49
N GLN A 39 4.39 -5.06 2.25
CA GLN A 39 5.49 -5.81 1.64
C GLN A 39 5.44 -5.62 0.13
N CYS A 40 6.56 -5.93 -0.55
CA CYS A 40 6.61 -5.88 -2.00
C CYS A 40 6.31 -7.28 -2.55
N THR A 41 5.59 -7.34 -3.68
CA THR A 41 5.16 -8.58 -4.28
C THR A 41 5.44 -8.60 -5.78
N GLY A 42 5.07 -9.70 -6.44
CA GLY A 42 5.31 -9.89 -7.87
C GLY A 42 6.53 -10.77 -8.11
N PHE A 43 6.81 -11.06 -9.38
CA PHE A 43 7.90 -11.93 -9.78
C PHE A 43 9.26 -11.28 -9.54
N LEU A 44 9.30 -9.95 -9.40
CA LEU A 44 10.54 -9.21 -9.21
C LEU A 44 10.39 -8.17 -8.09
N GLY A 45 9.33 -8.25 -7.27
CA GLY A 45 9.11 -7.30 -6.20
C GLY A 45 8.64 -5.94 -6.73
N THR A 46 8.19 -5.90 -8.00
CA THR A 46 7.79 -4.66 -8.67
C THR A 46 6.38 -4.22 -8.31
N THR A 47 5.74 -4.87 -7.33
CA THR A 47 4.38 -4.55 -6.91
C THR A 47 4.34 -4.27 -5.41
N CYS A 48 3.35 -3.49 -4.96
CA CYS A 48 3.18 -3.14 -3.56
C CYS A 48 1.88 -3.76 -3.02
N THR A 49 1.93 -4.28 -1.80
CA THR A 49 0.77 -4.90 -1.16
C THR A 49 0.77 -4.58 0.34
N CYS A 50 -0.42 -4.39 0.92
CA CYS A 50 -0.57 -4.06 2.32
C CYS A 50 -0.87 -5.31 3.15
N ILE A 51 -0.66 -5.20 4.47
CA ILE A 51 -0.86 -6.29 5.41
C ILE A 51 -2.09 -6.03 6.27
N ASN A 52 -2.81 -7.09 6.64
CA ASN A 52 -4.03 -7.00 7.43
C ASN A 52 -3.71 -6.68 8.90
N PRO A 53 -4.67 -6.09 9.63
CA PRO A 53 -5.98 -5.67 9.15
C PRO A 53 -5.90 -4.40 8.33
N CYS A 54 -6.97 -4.10 7.60
CA CYS A 54 -7.09 -2.91 6.77
C CYS A 54 -8.47 -2.27 6.92
N PRO A 55 -8.78 -1.72 8.12
CA PRO A 55 -10.06 -1.09 8.40
C PRO A 55 -10.28 0.17 7.56
N ARG A 56 -11.52 0.69 7.60
CA ARG A 56 -11.92 1.87 6.83
C ARG A 56 -11.29 3.14 7.40
N CYS A 57 -11.35 4.21 6.60
CA CYS A 57 -10.86 5.52 6.97
C CYS A 57 -11.70 6.60 6.28
N ASN A 2 -8.42 12.58 1.26
CA ASN A 2 -7.66 12.08 2.39
C ASN A 2 -7.19 10.64 2.14
N CYS A 3 -7.47 10.10 0.95
CA CYS A 3 -7.08 8.75 0.57
C CYS A 3 -6.84 8.64 -0.93
N PRO A 4 -5.63 9.02 -1.39
CA PRO A 4 -5.22 8.94 -2.78
C PRO A 4 -4.95 7.50 -3.20
N THR A 5 -4.66 7.31 -4.48
CA THR A 5 -4.34 6.00 -5.04
C THR A 5 -2.92 6.01 -5.59
N ARG A 6 -2.09 5.04 -5.17
CA ARG A 6 -0.70 4.93 -5.63
C ARG A 6 -0.35 3.46 -5.82
N ARG A 7 0.50 3.18 -6.82
CA ARG A 7 0.98 1.83 -7.13
C ARG A 7 2.44 1.90 -7.57
N GLY A 8 3.12 0.75 -7.61
CA GLY A 8 4.51 0.67 -8.06
C GLY A 8 5.48 1.30 -7.06
N LEU A 9 5.04 1.50 -5.82
CA LEU A 9 5.85 2.16 -4.80
C LEU A 9 7.14 1.39 -4.51
N CYS A 10 7.17 0.08 -4.79
CA CYS A 10 8.35 -0.74 -4.59
C CYS A 10 9.37 -0.55 -5.72
N VAL A 11 9.11 0.37 -6.66
CA VAL A 11 10.01 0.66 -7.76
C VAL A 11 10.34 2.16 -7.82
N THR A 12 9.44 3.02 -7.32
CA THR A 12 9.66 4.46 -7.33
C THR A 12 10.42 4.93 -6.09
N SER A 13 10.49 4.08 -5.06
CA SER A 13 11.25 4.39 -3.85
C SER A 13 11.71 3.13 -3.14
N GLY A 14 10.83 2.12 -3.10
CA GLY A 14 11.13 0.85 -2.46
C GLY A 14 10.06 0.52 -1.40
N LEU A 15 10.34 -0.48 -0.56
CA LEU A 15 9.41 -0.93 0.45
C LEU A 15 9.04 0.19 1.43
N THR A 16 9.92 1.16 1.62
CA THR A 16 9.69 2.25 2.56
C THR A 16 8.47 3.07 2.15
N ALA A 17 8.28 3.33 0.85
CA ALA A 17 7.15 4.11 0.40
C ALA A 17 5.89 3.24 0.33
N CYS A 18 6.06 1.93 0.12
CA CYS A 18 4.96 1.01 0.09
C CYS A 18 4.38 0.85 1.50
N ARG A 19 5.24 0.95 2.53
CA ARG A 19 4.81 0.82 3.91
C ARG A 19 4.20 2.12 4.41
N ASN A 20 4.75 3.26 3.96
CA ASN A 20 4.22 4.57 4.35
C ASN A 20 2.87 4.85 3.69
N HIS A 21 2.57 4.17 2.58
CA HIS A 21 1.29 4.33 1.91
C HIS A 21 0.25 3.37 2.47
N CYS A 22 0.67 2.19 2.94
CA CYS A 22 -0.23 1.24 3.57
C CYS A 22 -0.57 1.65 5.00
N ARG A 23 0.31 2.39 5.69
CA ARG A 23 0.06 2.84 7.05
C ARG A 23 -0.77 4.13 7.07
N SER A 24 -0.88 4.81 5.93
CA SER A 24 -1.76 5.96 5.75
C SER A 24 -3.00 5.50 5.01
N CYS A 25 -4.05 6.33 4.95
CA CYS A 25 -5.26 5.92 4.28
C CYS A 25 -5.11 6.05 2.77
N HIS A 26 -5.63 5.07 2.04
CA HIS A 26 -5.52 4.98 0.60
C HIS A 26 -6.79 4.37 0.02
N ARG A 27 -6.93 4.41 -1.31
CA ARG A 27 -8.12 3.89 -1.97
C ARG A 27 -8.14 2.35 -1.93
N GLY A 28 -9.31 1.78 -1.68
CA GLY A 28 -9.54 0.33 -1.67
C GLY A 28 -10.52 -0.08 -2.77
N ASP A 29 -10.91 -1.35 -2.77
CA ASP A 29 -11.80 -1.90 -3.79
C ASP A 29 -13.27 -1.63 -3.50
N VAL A 30 -13.59 -1.19 -2.27
CA VAL A 30 -14.98 -0.92 -1.86
C VAL A 30 -15.08 0.46 -1.20
N GLY A 31 -13.95 1.02 -0.76
CA GLY A 31 -13.89 2.31 -0.09
C GLY A 31 -12.47 2.59 0.40
N CYS A 32 -12.25 3.73 1.05
CA CYS A 32 -10.93 4.05 1.55
C CYS A 32 -10.63 3.31 2.84
N VAL A 33 -9.39 2.87 2.98
CA VAL A 33 -8.94 2.07 4.12
C VAL A 33 -7.48 2.38 4.46
N ARG A 34 -7.05 1.98 5.66
CA ARG A 34 -5.66 2.08 6.08
C ARG A 34 -5.27 0.77 6.76
N CYS A 35 -4.01 0.37 6.63
CA CYS A 35 -3.54 -0.92 7.11
C CYS A 35 -2.43 -0.75 8.15
N SER A 36 -1.84 -1.86 8.60
CA SER A 36 -0.84 -1.85 9.66
C SER A 36 0.59 -2.00 9.14
N ASN A 37 0.79 -2.70 8.03
CA ASN A 37 2.13 -2.94 7.49
C ASN A 37 2.05 -3.21 5.98
N ALA A 38 3.18 -3.50 5.34
CA ALA A 38 3.23 -3.74 3.91
C ALA A 38 4.41 -4.63 3.52
N GLN A 39 4.39 -5.09 2.27
CA GLN A 39 5.49 -5.84 1.68
C GLN A 39 5.48 -5.64 0.16
N CYS A 40 6.57 -6.01 -0.50
CA CYS A 40 6.65 -5.95 -1.95
C CYS A 40 6.37 -7.32 -2.54
N THR A 41 5.67 -7.35 -3.68
CA THR A 41 5.25 -8.58 -4.34
C THR A 41 5.59 -8.56 -5.82
N GLY A 42 5.24 -9.64 -6.52
CA GLY A 42 5.51 -9.78 -7.95
C GLY A 42 6.75 -10.64 -8.19
N PHE A 43 7.06 -10.92 -9.45
CA PHE A 43 8.17 -11.78 -9.84
C PHE A 43 9.53 -11.13 -9.54
N LEU A 44 9.55 -9.80 -9.35
CA LEU A 44 10.78 -9.07 -9.11
C LEU A 44 10.61 -8.06 -7.97
N GLY A 45 9.52 -8.17 -7.20
CA GLY A 45 9.26 -7.25 -6.11
C GLY A 45 8.82 -5.88 -6.61
N THR A 46 8.40 -5.79 -7.87
CA THR A 46 8.05 -4.54 -8.53
C THR A 46 6.62 -4.08 -8.20
N THR A 47 5.94 -4.75 -7.27
CA THR A 47 4.57 -4.42 -6.88
C THR A 47 4.48 -4.21 -5.37
N CYS A 48 3.50 -3.41 -4.94
CA CYS A 48 3.28 -3.10 -3.53
C CYS A 48 1.99 -3.74 -3.05
N THR A 49 2.01 -4.27 -1.81
CA THR A 49 0.85 -4.91 -1.20
C THR A 49 0.82 -4.59 0.30
N CYS A 50 -0.37 -4.41 0.86
CA CYS A 50 -0.53 -4.09 2.27
C CYS A 50 -0.83 -5.33 3.09
N ILE A 51 -0.65 -5.25 4.41
CA ILE A 51 -0.87 -6.35 5.34
C ILE A 51 -2.14 -6.10 6.15
N ASN A 52 -2.91 -7.15 6.42
CA ASN A 52 -4.16 -7.05 7.16
C ASN A 52 -3.90 -6.79 8.65
N PRO A 53 -4.85 -6.20 9.37
CA PRO A 53 -6.14 -5.73 8.88
C PRO A 53 -6.01 -4.41 8.13
N CYS A 54 -7.09 -4.01 7.45
CA CYS A 54 -7.16 -2.76 6.70
C CYS A 54 -8.53 -2.12 6.89
N PRO A 55 -8.84 -1.63 8.10
CA PRO A 55 -10.10 -0.98 8.42
C PRO A 55 -10.27 0.37 7.73
N ARG A 56 -11.47 0.96 7.83
CA ARG A 56 -11.79 2.26 7.26
C ARG A 56 -11.00 3.36 7.98
N CYS A 57 -11.03 4.57 7.42
CA CYS A 57 -10.34 5.72 7.98
C CYS A 57 -11.26 6.95 8.08
#